data_4JRT
# 
_entry.id   4JRT 
# 
_audit_conform.dict_name       mmcif_pdbx.dic 
_audit_conform.dict_version    5.381 
_audit_conform.dict_location   http://mmcif.pdb.org/dictionaries/ascii/mmcif_pdbx.dic 
# 
loop_
_database_2.database_id 
_database_2.database_code 
_database_2.pdbx_database_accession 
_database_2.pdbx_DOI 
PDB   4JRT         pdb_00004jrt 10.2210/pdb4jrt/pdb 
NDB   NA2329       ?            ?                   
RCSB  RCSB078423   ?            ?                   
WWPDB D_1000078423 ?            ?                   
# 
_pdbx_database_status.entry_id                        4JRT 
_pdbx_database_status.status_code                     REL 
_pdbx_database_status.methods_development_category    ? 
_pdbx_database_status.deposit_site                    RCSB 
_pdbx_database_status.process_site                    PDBJ 
_pdbx_database_status.recvd_initial_deposition_date   2013-03-21 
_pdbx_database_status.status_code_sf                  REL 
_pdbx_database_status.status_code_mr                  ? 
_pdbx_database_status.SG_entry                        ? 
_pdbx_database_status.status_code_cs                  ? 
_pdbx_database_status.pdb_format_compatible           Y 
_pdbx_database_status.status_code_nmr_data            ? 
# 
loop_
_audit_author.name 
_audit_author.pdbx_ordinal 
'Kondo, J.'          1 
'Dock-Bregeon, A.C.' 2 
'Willkomm, D.K.'     3 
'Hartmann, R.K.'     4 
'Westhof, E.'        5 
# 
_citation.id                        primary 
_citation.title                     
'Structure of an A-form RNA duplex obtained by degradation of 6S RNA in a crystallization droplet' 
_citation.journal_abbrev            'Acta Crystallogr.,Sect.F' 
_citation.journal_volume            69 
_citation.page_first                634 
_citation.page_last                 639 
_citation.year                      2013 
_citation.journal_id_ASTM           ? 
_citation.country                   DK 
_citation.journal_id_ISSN           1744-3091 
_citation.journal_id_CSD            ? 
_citation.book_publisher            ? 
_citation.pdbx_database_id_PubMed   23722840 
_citation.pdbx_database_id_DOI      10.1107/S1744309113013018 
# 
loop_
_citation_author.citation_id 
_citation_author.name 
_citation_author.ordinal 
_citation_author.identifier_ORCID 
primary 'Kondo, J.'          1 ? 
primary 'Dock-Bregeon, A.C.' 2 ? 
primary 'Willkomm, D.K.'     3 ? 
primary 'Hartmann, R.K.'     4 ? 
primary 'Westhof, E.'        5 ? 
# 
_cell.length_a           29.330 
_cell.length_b           29.330 
_cell.length_c           89.760 
_cell.angle_alpha        90.000 
_cell.angle_beta         90.000 
_cell.angle_gamma        90.000 
_cell.entry_id           4JRT 
_cell.pdbx_unique_axis   ? 
_cell.Z_PDB              4 
_cell.length_a_esd       ? 
_cell.length_b_esd       ? 
_cell.length_c_esd       ? 
_cell.angle_alpha_esd    ? 
_cell.angle_beta_esd     ? 
_cell.angle_gamma_esd    ? 
# 
_symmetry.space_group_name_H-M             'P 43' 
_symmetry.entry_id                         4JRT 
_symmetry.pdbx_full_space_group_name_H-M   ? 
_symmetry.Int_Tables_number                78 
_symmetry.cell_setting                     ? 
_symmetry.space_group_name_Hall            ? 
# 
loop_
_entity.id 
_entity.type 
_entity.src_method 
_entity.pdbx_description 
_entity.formula_weight 
_entity.pdbx_number_of_molecules 
_entity.pdbx_ec 
_entity.pdbx_mutation 
_entity.pdbx_fragment 
_entity.details 
1 polymer syn 
;RNA (5'-R(P*GP*GP*GP*UP*GP*GP*UP*GP*CP*GP*GP*G)-3')
;
3979.408 1  ? ? ? ? 
2 polymer syn 
;RNA (5'-R(P*CP*CP*UP*GP*CP*AP*CP*UP*GP*CP*CP*C)-3')
;
3723.264 1  ? ? ? ? 
3 water   nat water                                                 18.015   23 ? ? ? ? 
# 
loop_
_entity_poly.entity_id 
_entity_poly.type 
_entity_poly.nstd_linkage 
_entity_poly.nstd_monomer 
_entity_poly.pdbx_seq_one_letter_code 
_entity_poly.pdbx_seq_one_letter_code_can 
_entity_poly.pdbx_strand_id 
_entity_poly.pdbx_target_identifier 
1 polyribonucleotide no no GGGUGGUGCGGG GGGUGGUGCGGG A ? 
2 polyribonucleotide no no CCUGCACUGCCC CCUGCACUGCCC B ? 
# 
loop_
_entity_poly_seq.entity_id 
_entity_poly_seq.num 
_entity_poly_seq.mon_id 
_entity_poly_seq.hetero 
1 1  G n 
1 2  G n 
1 3  G n 
1 4  U n 
1 5  G n 
1 6  G n 
1 7  U n 
1 8  G n 
1 9  C n 
1 10 G n 
1 11 G n 
1 12 G n 
2 1  C n 
2 2  C n 
2 3  U n 
2 4  G n 
2 5  C n 
2 6  A n 
2 7  C n 
2 8  U n 
2 9  G n 
2 10 C n 
2 11 C n 
2 12 C n 
# 
loop_
_pdbx_entity_src_syn.entity_id 
_pdbx_entity_src_syn.pdbx_src_id 
_pdbx_entity_src_syn.pdbx_alt_source_flag 
_pdbx_entity_src_syn.pdbx_beg_seq_num 
_pdbx_entity_src_syn.pdbx_end_seq_num 
_pdbx_entity_src_syn.organism_scientific 
_pdbx_entity_src_syn.organism_common_name 
_pdbx_entity_src_syn.ncbi_taxonomy_id 
_pdbx_entity_src_syn.details 
1 1 sample ? ? ? ? ? 'in vitro transcription' 
2 1 sample ? ? ? ? ? 'in vitro transcription' 
# 
loop_
_struct_ref.id 
_struct_ref.db_name 
_struct_ref.db_code 
_struct_ref.pdbx_db_accession 
_struct_ref.entity_id 
_struct_ref.pdbx_align_begin 
_struct_ref.pdbx_seq_one_letter_code 
_struct_ref.pdbx_db_isoform 
1 PDB 4JRT 4JRT 1 ? ? ? 
2 PDB 4JRT 4JRT 2 ? ? ? 
# 
loop_
_struct_ref_seq.align_id 
_struct_ref_seq.ref_id 
_struct_ref_seq.pdbx_PDB_id_code 
_struct_ref_seq.pdbx_strand_id 
_struct_ref_seq.seq_align_beg 
_struct_ref_seq.pdbx_seq_align_beg_ins_code 
_struct_ref_seq.seq_align_end 
_struct_ref_seq.pdbx_seq_align_end_ins_code 
_struct_ref_seq.pdbx_db_accession 
_struct_ref_seq.db_align_beg 
_struct_ref_seq.pdbx_db_align_beg_ins_code 
_struct_ref_seq.db_align_end 
_struct_ref_seq.pdbx_db_align_end_ins_code 
_struct_ref_seq.pdbx_auth_seq_align_beg 
_struct_ref_seq.pdbx_auth_seq_align_end 
1 1 4JRT A 1 ? 12 ? 4JRT 1  ? 12 ? 1  12 
2 2 4JRT B 1 ? 12 ? 4JRT 13 ? 24 ? 13 24 
# 
loop_
_chem_comp.id 
_chem_comp.type 
_chem_comp.mon_nstd_flag 
_chem_comp.name 
_chem_comp.pdbx_synonyms 
_chem_comp.formula 
_chem_comp.formula_weight 
A   'RNA linking' y "ADENOSINE-5'-MONOPHOSPHATE" ? 'C10 H14 N5 O7 P' 347.221 
C   'RNA linking' y "CYTIDINE-5'-MONOPHOSPHATE"  ? 'C9 H14 N3 O8 P'  323.197 
G   'RNA linking' y "GUANOSINE-5'-MONOPHOSPHATE" ? 'C10 H14 N5 O8 P' 363.221 
HOH non-polymer   . WATER                        ? 'H2 O'            18.015  
U   'RNA linking' y "URIDINE-5'-MONOPHOSPHATE"   ? 'C9 H13 N2 O9 P'  324.181 
# 
_exptl.crystals_number   1 
_exptl.entry_id          4JRT 
_exptl.method            'X-RAY DIFFRACTION' 
# 
_exptl_crystal.id                    1 
_exptl_crystal.pdbx_mosaicity        ? 
_exptl_crystal.pdbx_mosaicity_esd    ? 
_exptl_crystal.density_Matthews      2.51 
_exptl_crystal.density_diffrn        ? 
_exptl_crystal.density_meas          ? 
_exptl_crystal.density_meas_temp     ? 
_exptl_crystal.density_percent_sol   50.92 
_exptl_crystal.size_max              ? 
_exptl_crystal.size_mid              ? 
_exptl_crystal.size_min              ? 
_exptl_crystal.size_rad              ? 
_exptl_crystal.description           ? 
_exptl_crystal.F_000                 ? 
_exptl_crystal.preparation           ? 
# 
_exptl_crystal_grow.crystal_id      1 
_exptl_crystal_grow.method          'VAPOR DIFFUSION' 
_exptl_crystal_grow.pH              7.0 
_exptl_crystal_grow.temp            310 
_exptl_crystal_grow.pdbx_details    'Sodium Cacodylate, Lithium acetate, PEG3350, pH 7.0, vapor diffusion, temperature 310K' 
_exptl_crystal_grow.temp_details    ? 
_exptl_crystal_grow.pdbx_pH_range   . 
# 
_diffrn.id                     1 
_diffrn.ambient_temp           100 
_diffrn.ambient_temp_details   ? 
_diffrn.crystal_id             1 
# 
_diffrn_detector.diffrn_id              1 
_diffrn_detector.detector               CCD 
_diffrn_detector.type                   ? 
_diffrn_detector.pdbx_collection_date   2009-07-04 
_diffrn_detector.details                ? 
# 
_diffrn_radiation.diffrn_id                        1 
_diffrn_radiation.pdbx_diffrn_protocol             'SINGLE WAVELENGTH' 
_diffrn_radiation.monochromator                    ? 
_diffrn_radiation.wavelength_id                    1 
_diffrn_radiation.pdbx_monochromatic_or_laue_m_l   M 
_diffrn_radiation.pdbx_scattering_type             x-ray 
# 
_diffrn_radiation_wavelength.id           1 
_diffrn_radiation_wavelength.wavelength   1.0723 
_diffrn_radiation_wavelength.wt           1.0 
# 
_diffrn_source.diffrn_id                   1 
_diffrn_source.source                      SYNCHROTRON 
_diffrn_source.type                        'ESRF BEAMLINE ID23-1' 
_diffrn_source.pdbx_wavelength_list        1.0723 
_diffrn_source.pdbx_wavelength             ? 
_diffrn_source.pdbx_synchrotron_site       ESRF 
_diffrn_source.pdbx_synchrotron_beamline   ID23-1 
# 
_reflns.entry_id                     4JRT 
_reflns.observed_criterion_sigma_F   ? 
_reflns.observed_criterion_sigma_I   ? 
_reflns.d_resolution_high            2.6 
_reflns.d_resolution_low             20.7 
_reflns.number_all                   ? 
_reflns.number_obs                   2330 
_reflns.percent_possible_obs         ? 
_reflns.pdbx_Rmerge_I_obs            ? 
_reflns.pdbx_Rsym_value              ? 
_reflns.pdbx_netI_over_sigmaI        ? 
_reflns.B_iso_Wilson_estimate        ? 
_reflns.pdbx_redundancy              ? 
_reflns.R_free_details               ? 
_reflns.limit_h_max                  ? 
_reflns.limit_h_min                  ? 
_reflns.limit_k_max                  ? 
_reflns.limit_k_min                  ? 
_reflns.limit_l_max                  ? 
_reflns.limit_l_min                  ? 
_reflns.observed_criterion_F_max     ? 
_reflns.observed_criterion_F_min     ? 
_reflns.pdbx_chi_squared             ? 
_reflns.pdbx_scaling_rejects         ? 
_reflns.pdbx_ordinal                 1 
_reflns.pdbx_diffrn_id               1 
# 
_refine.entry_id                                 4JRT 
_refine.ls_d_res_high                            2.6000 
_refine.ls_d_res_low                             20.7 
_refine.pdbx_ls_sigma_F                          0.000 
_refine.pdbx_data_cutoff_high_absF               ? 
_refine.pdbx_data_cutoff_low_absF                ? 
_refine.ls_percent_reflns_obs                    99.4000 
_refine.ls_number_reflns_obs                     2330 
_refine.ls_number_reflns_all                     ? 
_refine.pdbx_ls_cross_valid_method               ? 
_refine.pdbx_R_Free_selection_details            ? 
_refine.details                                  ? 
_refine.ls_R_factor_all                          ? 
_refine.ls_R_factor_obs                          ? 
_refine.ls_R_factor_R_work                       0.1848 
_refine.ls_wR_factor_R_work                      ? 
_refine.ls_R_factor_R_free                       0.2275 
_refine.ls_wR_factor_R_free                      ? 
_refine.ls_percent_reflns_R_free                 9.4000 
_refine.ls_number_reflns_R_free                  220 
_refine.ls_R_factor_R_free_error                 ? 
_refine.B_iso_mean                               76.1548 
_refine.solvent_model_param_bsol                 41.7378 
_refine.solvent_model_param_ksol                 ? 
_refine.pdbx_isotropic_thermal_model             ? 
_refine.aniso_B[1][1]                            21.0200 
_refine.aniso_B[2][2]                            21.0200 
_refine.aniso_B[3][3]                            -42.0400 
_refine.aniso_B[1][2]                            0.0000 
_refine.aniso_B[1][3]                            0.0000 
_refine.aniso_B[2][3]                            0.0000 
_refine.correlation_coeff_Fo_to_Fc               ? 
_refine.correlation_coeff_Fo_to_Fc_free          ? 
_refine.overall_SU_R_Cruickshank_DPI             ? 
_refine.overall_SU_R_free                        ? 
_refine.pdbx_overall_ESU_R                       ? 
_refine.pdbx_overall_ESU_R_Free                  ? 
_refine.overall_SU_ML                            ? 
_refine.overall_SU_B                             ? 
_refine.solvent_model_details                    ? 
_refine.pdbx_solvent_vdw_probe_radii             ? 
_refine.pdbx_solvent_ion_probe_radii             ? 
_refine.pdbx_solvent_shrinkage_radii             ? 
_refine.ls_number_parameters                     ? 
_refine.ls_number_restraints                     ? 
_refine.pdbx_starting_model                      'PDB ENTRY 353D' 
_refine.pdbx_method_to_determine_struct          'MOLECULAR REPLACEMENT' 
_refine.pdbx_stereochemistry_target_values       ? 
_refine.pdbx_stereochem_target_val_spec_case     ? 
_refine.overall_FOM_work_R_set                   ? 
_refine.B_iso_max                                113.100 
_refine.B_iso_min                                41.680 
_refine.pdbx_overall_phase_error                 ? 
_refine.occupancy_max                            1.000 
_refine.occupancy_min                            1.000 
_refine.pdbx_ls_sigma_I                          ? 
_refine.ls_redundancy_reflns_obs                 ? 
_refine.ls_R_factor_R_free_error_details         ? 
_refine.pdbx_data_cutoff_high_rms_absF           ? 
_refine.overall_FOM_free_R_set                   ? 
_refine.pdbx_diffrn_id                           1 
_refine.pdbx_refine_id                           'X-RAY DIFFRACTION' 
_refine.pdbx_TLS_residual_ADP_flag               ? 
_refine.pdbx_overall_SU_R_free_Cruickshank_DPI   ? 
_refine.pdbx_overall_SU_R_Blow_DPI               ? 
_refine.pdbx_overall_SU_R_free_Blow_DPI          ? 
# 
_refine_hist.pdbx_refine_id                   'X-RAY DIFFRACTION' 
_refine_hist.cycle_id                         LAST 
_refine_hist.pdbx_number_atoms_protein        0 
_refine_hist.pdbx_number_atoms_nucleic_acid   517 
_refine_hist.pdbx_number_atoms_ligand         0 
_refine_hist.number_atoms_solvent             23 
_refine_hist.number_atoms_total               540 
_refine_hist.d_res_high                       2.6000 
_refine_hist.d_res_low                        20.7 
# 
loop_
_refine_ls_restr.type 
_refine_ls_restr.number 
_refine_ls_restr.dev_ideal 
_refine_ls_restr.dev_ideal_target 
_refine_ls_restr.weight 
_refine_ls_restr.pdbx_restraint_function 
_refine_ls_restr.pdbx_refine_id 
c_bond_d     ? 0.006 ?     ? ? 'X-RAY DIFFRACTION' 
c_angle_d    ? 1.195 ?     ? ? 'X-RAY DIFFRACTION' 
c_mcbond_it  ? 0.000 1.500 ? ? 'X-RAY DIFFRACTION' 
c_scbond_it  ? 1.526 2.000 ? ? 'X-RAY DIFFRACTION' 
c_mcangle_it ? 0.000 2.000 ? ? 'X-RAY DIFFRACTION' 
c_scangle_it ? 2.268 2.500 ? ? 'X-RAY DIFFRACTION' 
# 
loop_
_refine_ls_shell.d_res_high 
_refine_ls_shell.d_res_low 
_refine_ls_shell.pdbx_total_number_of_bins_used 
_refine_ls_shell.percent_reflns_obs 
_refine_ls_shell.number_reflns_R_work 
_refine_ls_shell.R_factor_all 
_refine_ls_shell.R_factor_R_work 
_refine_ls_shell.R_factor_R_free 
_refine_ls_shell.percent_reflns_R_free 
_refine_ls_shell.number_reflns_R_free 
_refine_ls_shell.R_factor_R_free_error 
_refine_ls_shell.number_reflns_all 
_refine_ls_shell.number_reflns_obs 
_refine_ls_shell.pdbx_refine_id 
_refine_ls_shell.redundancy_reflns_obs 
2.6000 2.6900   10 100.0000 211 . 0.3756 0.4593 . 22 . 233 . 'X-RAY DIFFRACTION' . 
2.6900 2.8000   10 100.0000 198 . 0.3873 0.3398 . 25 . 223 . 'X-RAY DIFFRACTION' . 
2.8000 2.9300   10 100.0000 225 . 0.3556 0.4286 . 26 . 251 . 'X-RAY DIFFRACTION' . 
2.9300 3.0800   10 100.0000 203 . 0.2959 0.3369 . 15 . 218 . 'X-RAY DIFFRACTION' . 
3.0800 3.2800   10 100.0000 223 . 0.2167 0.2870 . 23 . 246 . 'X-RAY DIFFRACTION' . 
3.2800 3.5300   10 100.0000 198 . 0.2351 0.2602 . 19 . 217 . 'X-RAY DIFFRACTION' . 
3.5300 3.8800   10 100.0000 222 . 0.1689 0.1995 . 18 . 240 . 'X-RAY DIFFRACTION' . 
3.8800 4.4500   10 99.2000  214 . 0.1314 0.1901 . 26 . 240 . 'X-RAY DIFFRACTION' . 
4.4500 5.6000   10 100.0000 212 . 0.1256 0.1971 . 22 . 234 . 'X-RAY DIFFRACTION' . 
5.6000 100.0000 10 94.6000  204 . 0.1612 0.1843 . 24 . 228 . 'X-RAY DIFFRACTION' . 
# 
loop_
_pdbx_xplor_file.pdbx_refine_id 
_pdbx_xplor_file.serial_no 
_pdbx_xplor_file.param_file 
_pdbx_xplor_file.topol_file 
'X-RAY DIFFRACTION' 1 CNS_TOPPAR:dna-rna_rep.param ? 
'X-RAY DIFFRACTION' 2 CNS_TOPPAR:water_rep.param   ? 
'X-RAY DIFFRACTION' 3 CNS_TOPPAR:ion.param         ? 
'X-RAY DIFFRACTION' 4 ccc_xplor.param              ? 
# 
_struct.entry_id                  4JRT 
_struct.title                     'Crystal structure of an A-form RNA duplex containing three GU base pairs' 
_struct.pdbx_model_details        ? 
_struct.pdbx_CASP_flag            ? 
_struct.pdbx_model_type_details   ? 
# 
_struct_keywords.entry_id        4JRT 
_struct_keywords.text            'A-form RNA, ribose-zipper motif, GU base pair, RNA' 
_struct_keywords.pdbx_keywords   RNA 
# 
loop_
_struct_asym.id 
_struct_asym.pdbx_blank_PDB_chainid_flag 
_struct_asym.pdbx_modified 
_struct_asym.entity_id 
_struct_asym.details 
A N N 1 ? 
B N N 2 ? 
C N N 3 ? 
D N N 3 ? 
# 
_struct_biol.id        1 
_struct_biol.details   ? 
# 
loop_
_struct_conn.id 
_struct_conn.conn_type_id 
_struct_conn.pdbx_leaving_atom_flag 
_struct_conn.pdbx_PDB_id 
_struct_conn.ptnr1_label_asym_id 
_struct_conn.ptnr1_label_comp_id 
_struct_conn.ptnr1_label_seq_id 
_struct_conn.ptnr1_label_atom_id 
_struct_conn.pdbx_ptnr1_label_alt_id 
_struct_conn.pdbx_ptnr1_PDB_ins_code 
_struct_conn.pdbx_ptnr1_standard_comp_id 
_struct_conn.ptnr1_symmetry 
_struct_conn.ptnr2_label_asym_id 
_struct_conn.ptnr2_label_comp_id 
_struct_conn.ptnr2_label_seq_id 
_struct_conn.ptnr2_label_atom_id 
_struct_conn.pdbx_ptnr2_label_alt_id 
_struct_conn.pdbx_ptnr2_PDB_ins_code 
_struct_conn.ptnr1_auth_asym_id 
_struct_conn.ptnr1_auth_comp_id 
_struct_conn.ptnr1_auth_seq_id 
_struct_conn.ptnr2_auth_asym_id 
_struct_conn.ptnr2_auth_comp_id 
_struct_conn.ptnr2_auth_seq_id 
_struct_conn.ptnr2_symmetry 
_struct_conn.pdbx_ptnr3_label_atom_id 
_struct_conn.pdbx_ptnr3_label_seq_id 
_struct_conn.pdbx_ptnr3_label_comp_id 
_struct_conn.pdbx_ptnr3_label_asym_id 
_struct_conn.pdbx_ptnr3_label_alt_id 
_struct_conn.pdbx_ptnr3_PDB_ins_code 
_struct_conn.details 
_struct_conn.pdbx_dist_value 
_struct_conn.pdbx_value_order 
_struct_conn.pdbx_role 
hydrog1  hydrog ? ? A G 1  N1 ? ? ? 1_555 B C 12 N3 ? ? A G 1  B C 24 1_555 ? ? ? ? ? ? WATSON-CRICK ? ? ? 
hydrog2  hydrog ? ? A G 1  N2 ? ? ? 1_555 B C 12 O2 ? ? A G 1  B C 24 1_555 ? ? ? ? ? ? WATSON-CRICK ? ? ? 
hydrog3  hydrog ? ? A G 1  O6 ? ? ? 1_555 B C 12 N4 ? ? A G 1  B C 24 1_555 ? ? ? ? ? ? WATSON-CRICK ? ? ? 
hydrog4  hydrog ? ? A G 2  N1 ? ? ? 1_555 B C 11 N3 ? ? A G 2  B C 23 1_555 ? ? ? ? ? ? WATSON-CRICK ? ? ? 
hydrog5  hydrog ? ? A G 2  N2 ? ? ? 1_555 B C 11 O2 ? ? A G 2  B C 23 1_555 ? ? ? ? ? ? WATSON-CRICK ? ? ? 
hydrog6  hydrog ? ? A G 2  O6 ? ? ? 1_555 B C 11 N4 ? ? A G 2  B C 23 1_555 ? ? ? ? ? ? WATSON-CRICK ? ? ? 
hydrog7  hydrog ? ? A G 3  N1 ? ? ? 1_555 B C 10 N3 ? ? A G 3  B C 22 1_555 ? ? ? ? ? ? WATSON-CRICK ? ? ? 
hydrog8  hydrog ? ? A G 3  N2 ? ? ? 1_555 B C 10 O2 ? ? A G 3  B C 22 1_555 ? ? ? ? ? ? WATSON-CRICK ? ? ? 
hydrog9  hydrog ? ? A G 3  O6 ? ? ? 1_555 B C 10 N4 ? ? A G 3  B C 22 1_555 ? ? ? ? ? ? WATSON-CRICK ? ? ? 
hydrog10 hydrog ? ? A U 4  N3 ? ? ? 1_555 B G 9  O6 ? ? A U 4  B G 21 1_555 ? ? ? ? ? ? TYPE_28_PAIR ? ? ? 
hydrog11 hydrog ? ? A U 4  O2 ? ? ? 1_555 B G 9  N1 ? ? A U 4  B G 21 1_555 ? ? ? ? ? ? TYPE_28_PAIR ? ? ? 
hydrog12 hydrog ? ? A G 5  N1 ? ? ? 1_555 B U 8  O2 ? ? A G 5  B U 20 1_555 ? ? ? ? ? ? TYPE_28_PAIR ? ? ? 
hydrog13 hydrog ? ? A G 5  O6 ? ? ? 1_555 B U 8  N3 ? ? A G 5  B U 20 1_555 ? ? ? ? ? ? TYPE_28_PAIR ? ? ? 
hydrog14 hydrog ? ? A G 6  N1 ? ? ? 1_555 B C 7  N3 ? ? A G 6  B C 19 1_555 ? ? ? ? ? ? WATSON-CRICK ? ? ? 
hydrog15 hydrog ? ? A G 6  N2 ? ? ? 1_555 B C 7  O2 ? ? A G 6  B C 19 1_555 ? ? ? ? ? ? WATSON-CRICK ? ? ? 
hydrog16 hydrog ? ? A G 6  O6 ? ? ? 1_555 B C 7  N4 ? ? A G 6  B C 19 1_555 ? ? ? ? ? ? WATSON-CRICK ? ? ? 
hydrog17 hydrog ? ? A U 7  N3 ? ? ? 1_555 B A 6  N1 ? ? A U 7  B A 18 1_555 ? ? ? ? ? ? WATSON-CRICK ? ? ? 
hydrog18 hydrog ? ? A U 7  O4 ? ? ? 1_555 B A 6  N6 ? ? A U 7  B A 18 1_555 ? ? ? ? ? ? WATSON-CRICK ? ? ? 
hydrog19 hydrog ? ? A G 8  N1 ? ? ? 1_555 B C 5  N3 ? ? A G 8  B C 17 1_555 ? ? ? ? ? ? WATSON-CRICK ? ? ? 
hydrog20 hydrog ? ? A G 8  N2 ? ? ? 1_555 B C 5  O2 ? ? A G 8  B C 17 1_555 ? ? ? ? ? ? WATSON-CRICK ? ? ? 
hydrog21 hydrog ? ? A G 8  O6 ? ? ? 1_555 B C 5  N4 ? ? A G 8  B C 17 1_555 ? ? ? ? ? ? WATSON-CRICK ? ? ? 
hydrog22 hydrog ? ? A C 9  N3 ? ? ? 1_555 B G 4  N1 ? ? A C 9  B G 16 1_555 ? ? ? ? ? ? WATSON-CRICK ? ? ? 
hydrog23 hydrog ? ? A C 9  N4 ? ? ? 1_555 B G 4  O6 ? ? A C 9  B G 16 1_555 ? ? ? ? ? ? WATSON-CRICK ? ? ? 
hydrog24 hydrog ? ? A C 9  O2 ? ? ? 1_555 B G 4  N2 ? ? A C 9  B G 16 1_555 ? ? ? ? ? ? WATSON-CRICK ? ? ? 
hydrog25 hydrog ? ? A G 10 N1 ? ? ? 1_555 B U 3  O2 ? ? A G 10 B U 15 1_555 ? ? ? ? ? ? TYPE_28_PAIR ? ? ? 
hydrog26 hydrog ? ? A G 10 O6 ? ? ? 1_555 B U 3  N3 ? ? A G 10 B U 15 1_555 ? ? ? ? ? ? TYPE_28_PAIR ? ? ? 
hydrog27 hydrog ? ? A G 11 N1 ? ? ? 1_555 B C 2  N3 ? ? A G 11 B C 14 1_555 ? ? ? ? ? ? WATSON-CRICK ? ? ? 
hydrog28 hydrog ? ? A G 11 N2 ? ? ? 1_555 B C 2  O2 ? ? A G 11 B C 14 1_555 ? ? ? ? ? ? WATSON-CRICK ? ? ? 
hydrog29 hydrog ? ? A G 11 O6 ? ? ? 1_555 B C 2  N4 ? ? A G 11 B C 14 1_555 ? ? ? ? ? ? WATSON-CRICK ? ? ? 
hydrog30 hydrog ? ? A G 12 N1 ? ? ? 1_555 B C 1  N3 ? ? A G 12 B C 13 1_555 ? ? ? ? ? ? WATSON-CRICK ? ? ? 
hydrog31 hydrog ? ? A G 12 N2 ? ? ? 1_555 B C 1  O2 ? ? A G 12 B C 13 1_555 ? ? ? ? ? ? WATSON-CRICK ? ? ? 
hydrog32 hydrog ? ? A G 12 O6 ? ? ? 1_555 B C 1  N4 ? ? A G 12 B C 13 1_555 ? ? ? ? ? ? WATSON-CRICK ? ? ? 
# 
_struct_conn_type.id          hydrog 
_struct_conn_type.criteria    ? 
_struct_conn_type.reference   ? 
# 
_atom_sites.entry_id                    4JRT 
_atom_sites.fract_transf_matrix[1][1]   -0.00579685 
_atom_sites.fract_transf_matrix[1][2]   -0.03049999 
_atom_sites.fract_transf_matrix[1][3]   0.01409313 
_atom_sites.fract_transf_matrix[2][1]   -0.01477608 
_atom_sites.fract_transf_matrix[2][2]   -0.01052985 
_atom_sites.fract_transf_matrix[2][3]   -0.02886622 
_atom_sites.fract_transf_matrix[3][1]   0.00986010 
_atom_sites.fract_transf_matrix[3][2]   -0.00359947 
_atom_sites.fract_transf_matrix[3][3]   -0.00373418 
_atom_sites.fract_transf_vector[1]      0.049247 
_atom_sites.fract_transf_vector[2]      0.892799 
_atom_sites.fract_transf_vector[3]      0.007934 
# 
loop_
_atom_type.symbol 
C 
N 
O 
P 
# 
loop_
_atom_site.group_PDB 
_atom_site.id 
_atom_site.type_symbol 
_atom_site.label_atom_id 
_atom_site.label_alt_id 
_atom_site.label_comp_id 
_atom_site.label_asym_id 
_atom_site.label_entity_id 
_atom_site.label_seq_id 
_atom_site.pdbx_PDB_ins_code 
_atom_site.Cartn_x 
_atom_site.Cartn_y 
_atom_site.Cartn_z 
_atom_site.occupancy 
_atom_site.B_iso_or_equiv 
_atom_site.pdbx_formal_charge 
_atom_site.auth_seq_id 
_atom_site.auth_comp_id 
_atom_site.auth_asym_id 
_atom_site.auth_atom_id 
_atom_site.pdbx_PDB_model_num 
ATOM   1   O OP3   . G   A 1 1  ? -0.665  -10.364 -2.121  1.00 92.20  ? 1   G   A OP3   1 
ATOM   2   P P     . G   A 1 1  ? -1.088  -11.132 -0.868  1.00 94.34  ? 1   G   A P     1 
ATOM   3   O OP1   . G   A 1 1  ? -1.049  -10.277 0.401   1.00 90.67  ? 1   G   A OP1   1 
ATOM   4   O OP2   . G   A 1 1  ? -0.324  -12.444 -0.726  1.00 92.15  ? 1   G   A OP2   1 
ATOM   5   O "O5'" . G   A 1 1  ? -2.654  -11.543 -1.078  1.00 89.34  ? 1   G   A "O5'" 1 
ATOM   6   C "C5'" . G   A 1 1  ? -3.054  -12.465 -2.111  1.00 86.24  ? 1   G   A "C5'" 1 
ATOM   7   C "C4'" . G   A 1 1  ? -4.497  -12.881 -1.910  1.00 84.51  ? 1   G   A "C4'" 1 
ATOM   8   O "O4'" . G   A 1 1  ? -4.633  -13.780 -0.773  1.00 83.02  ? 1   G   A "O4'" 1 
ATOM   9   C "C3'" . G   A 1 1  ? -5.462  -11.737 -1.652  1.00 83.65  ? 1   G   A "C3'" 1 
ATOM   10  O "O3'" . G   A 1 1  ? -5.878  -11.153 -2.880  1.00 83.52  ? 1   G   A "O3'" 1 
ATOM   11  C "C2'" . G   A 1 1  ? -6.599  -12.438 -0.925  1.00 82.90  ? 1   G   A "C2'" 1 
ATOM   12  O "O2'" . G   A 1 1  ? -7.506  -13.158 -1.791  1.00 82.03  ? 1   G   A "O2'" 1 
ATOM   13  C "C1'" . G   A 1 1  ? -5.831  -13.452 -0.076  1.00 82.41  ? 1   G   A "C1'" 1 
ATOM   14  N N9    . G   A 1 1  ? -5.463  -12.934 1.241   1.00 80.32  ? 1   G   A N9    1 
ATOM   15  C C8    . G   A 1 1  ? -4.195  -12.803 1.754   1.00 79.70  ? 1   G   A C8    1 
ATOM   16  N N7    . G   A 1 1  ? -4.178  -12.315 2.963   1.00 78.17  ? 1   G   A N7    1 
ATOM   17  C C5    . G   A 1 1  ? -5.515  -12.107 3.267   1.00 77.31  ? 1   G   A C5    1 
ATOM   18  C C6    . G   A 1 1  ? -6.113  -11.593 4.438   1.00 77.49  ? 1   G   A C6    1 
ATOM   19  O O6    . G   A 1 1  ? -5.566  -11.222 5.481   1.00 75.82  ? 1   G   A O6    1 
ATOM   20  N N1    . G   A 1 1  ? -7.498  -11.534 4.322   1.00 79.72  ? 1   G   A N1    1 
ATOM   21  C C2    . G   A 1 1  ? -8.214  -11.924 3.214   1.00 80.69  ? 1   G   A C2    1 
ATOM   22  N N2    . G   A 1 1  ? -9.545  -11.768 3.280   1.00 80.96  ? 1   G   A N2    1 
ATOM   23  N N3    . G   A 1 1  ? -7.663  -12.422 2.118   1.00 80.33  ? 1   G   A N3    1 
ATOM   24  C C4    . G   A 1 1  ? -6.321  -12.482 2.213   1.00 78.40  ? 1   G   A C4    1 
ATOM   25  P P     . G   A 1 2  ? -6.039  -9.558  -2.994  1.00 83.20  ? 2   G   A P     1 
ATOM   26  O OP1   . G   A 1 2  ? -6.288  -9.263  -4.432  1.00 82.99  ? 2   G   A OP1   1 
ATOM   27  O OP2   . G   A 1 2  ? -4.902  -8.898  -2.297  1.00 80.45  ? 2   G   A OP2   1 
ATOM   28  O "O5'" . G   A 1 2  ? -7.367  -9.263  -2.165  1.00 81.34  ? 2   G   A "O5'" 1 
ATOM   29  C "C5'" . G   A 1 2  ? -8.642  -9.679  -2.649  1.00 79.17  ? 2   G   A "C5'" 1 
ATOM   30  C "C4'" . G   A 1 2  ? -9.716  -9.266  -1.677  1.00 78.23  ? 2   G   A "C4'" 1 
ATOM   31  O "O4'" . G   A 1 2  ? -9.624  -10.052 -0.451  1.00 79.71  ? 2   G   A "O4'" 1 
ATOM   32  C "C3'" . G   A 1 2  ? -9.617  -7.822  -1.227  1.00 77.24  ? 2   G   A "C3'" 1 
ATOM   33  O "O3'" . G   A 1 2  ? -10.189 -6.941  -2.177  1.00 73.94  ? 2   G   A "O3'" 1 
ATOM   34  C "C2'" . G   A 1 2  ? -10.391 -7.856  0.076   1.00 78.61  ? 2   G   A "C2'" 1 
ATOM   35  O "O2'" . G   A 1 2  ? -11.817 -7.895  -0.135  1.00 80.43  ? 2   G   A "O2'" 1 
ATOM   36  C "C1'" . G   A 1 2  ? -9.936  -9.200  0.650   1.00 79.04  ? 2   G   A "C1'" 1 
ATOM   37  N N9    . G   A 1 2  ? -8.741  -9.059  1.482   1.00 78.74  ? 2   G   A N9    1 
ATOM   38  C C8    . G   A 1 2  ? -7.436  -9.305  1.129   1.00 78.06  ? 2   G   A C8    1 
ATOM   39  N N7    . G   A 1 2  ? -6.588  -9.049  2.089   1.00 75.30  ? 2   G   A N7    1 
ATOM   40  C C5    . G   A 1 2  ? -7.383  -8.618  3.139   1.00 76.28  ? 2   G   A C5    1 
ATOM   41  C C6    . G   A 1 2  ? -7.030  -8.200  4.446   1.00 77.29  ? 2   G   A C6    1 
ATOM   42  O O6    . G   A 1 2  ? -5.890  -8.117  4.956   1.00 75.21  ? 2   G   A O6    1 
ATOM   43  N N1    . G   A 1 2  ? -8.158  -7.852  5.186   1.00 77.20  ? 2   G   A N1    1 
ATOM   44  C C2    . G   A 1 2  ? -9.455  -7.894  4.722   1.00 77.61  ? 2   G   A C2    1 
ATOM   45  N N2    . G   A 1 2  ? -10.418 -7.504  5.571   1.00 78.23  ? 2   G   A N2    1 
ATOM   46  N N3    . G   A 1 2  ? -9.788  -8.283  3.513   1.00 77.28  ? 2   G   A N3    1 
ATOM   47  C C4    . G   A 1 2  ? -8.714  -8.626  2.781   1.00 77.22  ? 2   G   A C4    1 
ATOM   48  P P     . G   A 1 3  ? -9.696  -5.414  -2.234  1.00 73.55  ? 3   G   A P     1 
ATOM   49  O OP1   . G   A 1 3  ? -10.392 -4.753  -3.367  1.00 73.17  ? 3   G   A OP1   1 
ATOM   50  O OP2   . G   A 1 3  ? -8.217  -5.372  -2.163  1.00 71.16  ? 3   G   A OP2   1 
ATOM   51  O "O5'" . G   A 1 3  ? -10.262 -4.830  -0.870  1.00 73.94  ? 3   G   A "O5'" 1 
ATOM   52  C "C5'" . G   A 1 3  ? -11.664 -4.774  -0.630  1.00 71.22  ? 3   G   A "C5'" 1 
ATOM   53  C "C4'" . G   A 1 3  ? -11.925 -4.074  0.670   1.00 69.33  ? 3   G   A "C4'" 1 
ATOM   54  O "O4'" . G   A 1 3  ? -11.607 -4.954  1.781   1.00 69.45  ? 3   G   A "O4'" 1 
ATOM   55  C "C3'" . G   A 1 3  ? -11.055 -2.851  0.878   1.00 67.93  ? 3   G   A "C3'" 1 
ATOM   56  O "O3'" . G   A 1 3  ? -11.562 -1.726  0.183   1.00 66.65  ? 3   G   A "O3'" 1 
ATOM   57  C "C2'" . G   A 1 3  ? -11.121 -2.691  2.383   1.00 67.77  ? 3   G   A "C2'" 1 
ATOM   58  O "O2'" . G   A 1 3  ? -12.364 -2.115  2.843   1.00 67.70  ? 3   G   A "O2'" 1 
ATOM   59  C "C1'" . G   A 1 3  ? -11.077 -4.152  2.831   1.00 70.13  ? 3   G   A "C1'" 1 
ATOM   60  N N9    . G   A 1 3  ? -9.718  -4.588  3.128   1.00 70.46  ? 3   G   A N9    1 
ATOM   61  C C8    . G   A 1 3  ? -8.858  -5.296  2.326   1.00 70.31  ? 3   G   A C8    1 
ATOM   62  N N7    . G   A 1 3  ? -7.694  -5.503  2.880   1.00 69.72  ? 3   G   A N7    1 
ATOM   63  C C5    . G   A 1 3  ? -7.801  -4.902  4.125   1.00 71.18  ? 3   G   A C5    1 
ATOM   64  C C6    . G   A 1 3  ? -6.863  -4.798  5.180   1.00 71.84  ? 3   G   A C6    1 
ATOM   65  O O6    . G   A 1 3  ? -5.702  -5.222  5.226   1.00 73.05  ? 3   G   A O6    1 
ATOM   66  N N1    . G   A 1 3  ? -7.393  -4.115  6.267   1.00 73.71  ? 3   G   A N1    1 
ATOM   67  C C2    . G   A 1 3  ? -8.660  -3.591  6.331   1.00 73.16  ? 3   G   A C2    1 
ATOM   68  N N2    . G   A 1 3  ? -8.999  -2.981  7.476   1.00 73.46  ? 3   G   A N2    1 
ATOM   69  N N3    . G   A 1 3  ? -9.534  -3.666  5.349   1.00 71.79  ? 3   G   A N3    1 
ATOM   70  C C4    . G   A 1 3  ? -9.043  -4.336  4.289   1.00 70.66  ? 3   G   A C4    1 
ATOM   71  P P     . U   A 1 4  ? -10.563 -0.555  -0.259  1.00 66.33  ? 4   U   A P     1 
ATOM   72  O OP1   . U   A 1 4  ? -11.328 0.448   -1.030  1.00 67.12  ? 4   U   A OP1   1 
ATOM   73  O OP2   . U   A 1 4  ? -9.373  -1.201  -0.862  1.00 66.96  ? 4   U   A OP2   1 
ATOM   74  O "O5'" . U   A 1 4  ? -10.111 0.113   1.107   1.00 68.47  ? 4   U   A "O5'" 1 
ATOM   75  C "C5'" . U   A 1 4  ? -11.045 0.771   1.937   1.00 68.18  ? 4   U   A "C5'" 1 
ATOM   76  C "C4'" . U   A 1 4  ? -10.389 1.089   3.240   1.00 70.55  ? 4   U   A "C4'" 1 
ATOM   77  O "O4'" . U   A 1 4  ? -9.917  -0.151  3.828   1.00 70.87  ? 4   U   A "O4'" 1 
ATOM   78  C "C3'" . U   A 1 4  ? -9.155  1.958   3.088   1.00 70.96  ? 4   U   A "C3'" 1 
ATOM   79  O "O3'" . U   A 1 4  ? -9.575  3.318   3.076   1.00 72.43  ? 4   U   A "O3'" 1 
ATOM   80  C "C2'" . U   A 1 4  ? -8.360  1.600   4.332   1.00 70.54  ? 4   U   A "C2'" 1 
ATOM   81  O "O2'" . U   A 1 4  ? -8.825  2.291   5.501   1.00 70.83  ? 4   U   A "O2'" 1 
ATOM   82  C "C1'" . U   A 1 4  ? -8.698  0.116   4.499   1.00 71.97  ? 4   U   A "C1'" 1 
ATOM   83  N N1    . U   A 1 4  ? -7.668  -0.806  3.999   1.00 73.37  ? 4   U   A N1    1 
ATOM   84  C C2    . U   A 1 4  ? -6.604  -1.066  4.840   1.00 75.11  ? 4   U   A C2    1 
ATOM   85  O O2    . U   A 1 4  ? -6.492  -0.547  5.936   1.00 76.61  ? 4   U   A O2    1 
ATOM   86  N N3    . U   A 1 4  ? -5.668  -1.943  4.349   1.00 74.85  ? 4   U   A N3    1 
ATOM   87  C C4    . U   A 1 4  ? -5.672  -2.558  3.121   1.00 73.55  ? 4   U   A C4    1 
ATOM   88  O O4    . U   A 1 4  ? -4.727  -3.297  2.816   1.00 73.49  ? 4   U   A O4    1 
ATOM   89  C C5    . U   A 1 4  ? -6.805  -2.233  2.295   1.00 72.77  ? 4   U   A C5    1 
ATOM   90  C C6    . U   A 1 4  ? -7.744  -1.391  2.755   1.00 72.58  ? 4   U   A C6    1 
ATOM   91  P P     . G   A 1 5  ? -8.512  4.496   2.801   1.00 75.68  ? 5   G   A P     1 
ATOM   92  O OP1   . G   A 1 5  ? -9.310  5.740   2.871   1.00 74.79  ? 5   G   A OP1   1 
ATOM   93  O OP2   . G   A 1 5  ? -7.710  4.201   1.587   1.00 72.80  ? 5   G   A OP2   1 
ATOM   94  O "O5'" . G   A 1 5  ? -7.536  4.444   4.056   1.00 72.98  ? 5   G   A "O5'" 1 
ATOM   95  C "C5'" . G   A 1 5  ? -6.170  4.747   3.923   1.00 69.04  ? 5   G   A "C5'" 1 
ATOM   96  C "C4'" . G   A 1 5  ? -5.500  4.633   5.261   1.00 69.57  ? 5   G   A "C4'" 1 
ATOM   97  O "O4'" . G   A 1 5  ? -5.703  3.304   5.826   1.00 69.19  ? 5   G   A "O4'" 1 
ATOM   98  C "C3'" . G   A 1 5  ? -4.002  4.827   5.246   1.00 69.06  ? 5   G   A "C3'" 1 
ATOM   99  O "O3'" . G   A 1 5  ? -3.672  6.203   5.223   1.00 69.13  ? 5   G   A "O3'" 1 
ATOM   100 C "C2'" . G   A 1 5  ? -3.607  4.163   6.547   1.00 68.68  ? 5   G   A "C2'" 1 
ATOM   101 O "O2'" . G   A 1 5  ? -3.908  4.973   7.704   1.00 67.56  ? 5   G   A "O2'" 1 
ATOM   102 C "C1'" . G   A 1 5  ? -4.522  2.937   6.531   1.00 68.60  ? 5   G   A "C1'" 1 
ATOM   103 N N9    . G   A 1 5  ? -3.890  1.838   5.810   1.00 69.22  ? 5   G   A N9    1 
ATOM   104 C C8    . G   A 1 5  ? -4.270  1.312   4.599   1.00 68.51  ? 5   G   A C8    1 
ATOM   105 N N7    . G   A 1 5  ? -3.475  0.360   4.183   1.00 68.02  ? 5   G   A N7    1 
ATOM   106 C C5    . G   A 1 5  ? -2.518  0.248   5.182   1.00 67.44  ? 5   G   A C5    1 
ATOM   107 C C6    . G   A 1 5  ? -1.383  -0.602  5.282   1.00 68.09  ? 5   G   A C6    1 
ATOM   108 O O6    . G   A 1 5  ? -0.973  -1.443  4.471   1.00 68.78  ? 5   G   A O6    1 
ATOM   109 N N1    . G   A 1 5  ? -0.692  -0.395  6.471   1.00 68.27  ? 5   G   A N1    1 
ATOM   110 C C2    . G   A 1 5  ? -1.038  0.511   7.435   1.00 68.92  ? 5   G   A C2    1 
ATOM   111 N N2    . G   A 1 5  ? -0.267  0.531   8.524   1.00 69.75  ? 5   G   A N2    1 
ATOM   112 N N3    . G   A 1 5  ? -2.074  1.329   7.343   1.00 69.34  ? 5   G   A N3    1 
ATOM   113 C C4    . G   A 1 5  ? -2.767  1.141   6.200   1.00 68.73  ? 5   G   A C4    1 
ATOM   114 P P     . G   A 1 6  ? -2.324  6.672   4.497   1.00 70.33  ? 6   G   A P     1 
ATOM   115 O OP1   . G   A 1 6  ? -2.298  8.143   4.586   1.00 70.34  ? 6   G   A OP1   1 
ATOM   116 O OP2   . G   A 1 6  ? -2.268  6.020   3.169   1.00 70.90  ? 6   G   A OP2   1 
ATOM   117 O "O5'" . G   A 1 6  ? -1.161  6.042   5.388   1.00 71.24  ? 6   G   A "O5'" 1 
ATOM   118 C "C5'" . G   A 1 6  ? -1.011  6.389   6.765   1.00 71.02  ? 6   G   A "C5'" 1 
ATOM   119 C "C4'" . G   A 1 6  ? 0.221   5.725   7.343   1.00 72.39  ? 6   G   A "C4'" 1 
ATOM   120 O "O4'" . G   A 1 6  ? 0.039   4.287   7.486   1.00 75.21  ? 6   G   A "O4'" 1 
ATOM   121 C "C3'" . G   A 1 6  ? 1.480   5.867   6.519   1.00 72.94  ? 6   G   A "C3'" 1 
ATOM   122 O "O3'" . G   A 1 6  ? 2.064   7.129   6.759   1.00 72.85  ? 6   G   A "O3'" 1 
ATOM   123 C "C2'" . G   A 1 6  ? 2.333   4.737   7.061   1.00 73.85  ? 6   G   A "C2'" 1 
ATOM   124 O "O2'" . G   A 1 6  ? 2.886   5.038   8.363   1.00 75.69  ? 6   G   A "O2'" 1 
ATOM   125 C "C1'" . G   A 1 6  ? 1.285   3.642   7.246   1.00 74.14  ? 6   G   A "C1'" 1 
ATOM   126 N N9    . G   A 1 6  ? 1.128   2.784   6.077   1.00 74.14  ? 6   G   A N9    1 
ATOM   127 C C8    . G   A 1 6  ? 0.086   2.799   5.183   1.00 73.05  ? 6   G   A C8    1 
ATOM   128 N N7    . G   A 1 6  ? 0.208   1.905   4.239   1.00 73.43  ? 6   G   A N7    1 
ATOM   129 C C5    . G   A 1 6  ? 1.401   1.258   4.529   1.00 73.50  ? 6   G   A C5    1 
ATOM   130 C C6    . G   A 1 6  ? 2.050   0.190   3.859   1.00 74.34  ? 6   G   A C6    1 
ATOM   131 O O6    . G   A 1 6  ? 1.679   -0.433  2.857   1.00 76.81  ? 6   G   A O6    1 
ATOM   132 N N1    . G   A 1 6  ? 3.249   -0.147  4.475   1.00 73.93  ? 6   G   A N1    1 
ATOM   133 C C2    . G   A 1 6  ? 3.753   0.453   5.596   1.00 73.76  ? 6   G   A C2    1 
ATOM   134 N N2    . G   A 1 6  ? 4.930   -0.020  6.035   1.00 72.80  ? 6   G   A N2    1 
ATOM   135 N N3    . G   A 1 6  ? 3.152   1.444   6.241   1.00 73.88  ? 6   G   A N3    1 
ATOM   136 C C4    . G   A 1 6  ? 1.987   1.792   5.654   1.00 73.83  ? 6   G   A C4    1 
ATOM   137 P P     . U   A 1 7  ? 2.869   7.852   5.584   1.00 72.83  ? 7   U   A P     1 
ATOM   138 O OP1   . U   A 1 7  ? 3.088   9.248   6.030   1.00 72.22  ? 7   U   A OP1   1 
ATOM   139 O OP2   . U   A 1 7  ? 2.169   7.588   4.296   1.00 71.59  ? 7   U   A OP2   1 
ATOM   140 O "O5'" . U   A 1 7  ? 4.253   7.065   5.559   1.00 71.92  ? 7   U   A "O5'" 1 
ATOM   141 C "C5'" . U   A 1 7  ? 5.154   7.159   6.656   1.00 71.41  ? 7   U   A "C5'" 1 
ATOM   142 C "C4'" . U   A 1 7  ? 6.342   6.268   6.424   1.00 70.84  ? 7   U   A "C4'" 1 
ATOM   143 O "O4'" . U   A 1 7  ? 5.952   4.871   6.540   1.00 71.16  ? 7   U   A "O4'" 1 
ATOM   144 C "C3'" . U   A 1 7  ? 6.963   6.381   5.046   1.00 73.02  ? 7   U   A "C3'" 1 
ATOM   145 O "O3'" . U   A 1 7  ? 7.814   7.512   4.931   1.00 73.61  ? 7   U   A "O3'" 1 
ATOM   146 C "C2'" . U   A 1 7  ? 7.729   5.076   4.965   1.00 72.59  ? 7   U   A "C2'" 1 
ATOM   147 O "O2'" . U   A 1 7  ? 8.944   5.101   5.752   1.00 72.88  ? 7   U   A "O2'" 1 
ATOM   148 C "C1'" . U   A 1 7  ? 6.731   4.115   5.614   1.00 70.95  ? 7   U   A "C1'" 1 
ATOM   149 N N1    . U   A 1 7  ? 5.822   3.550   4.609   1.00 69.35  ? 7   U   A N1    1 
ATOM   150 C C2    . U   A 1 7  ? 6.240   2.426   3.922   1.00 69.27  ? 7   U   A C2    1 
ATOM   151 O O2    . U   A 1 7  ? 7.305   1.869   4.149   1.00 66.21  ? 7   U   A O2    1 
ATOM   152 N N3    . U   A 1 7  ? 5.362   1.979   2.958   1.00 69.03  ? 7   U   A N3    1 
ATOM   153 C C4    . U   A 1 7  ? 4.131   2.524   2.635   1.00 69.22  ? 7   U   A C4    1 
ATOM   154 O O4    . U   A 1 7  ? 3.464   2.032   1.717   1.00 70.55  ? 7   U   A O4    1 
ATOM   155 C C5    . U   A 1 7  ? 3.769   3.667   3.410   1.00 68.52  ? 7   U   A C5    1 
ATOM   156 C C6    . U   A 1 7  ? 4.606   4.130   4.345   1.00 69.82  ? 7   U   A C6    1 
ATOM   157 P P     . G   A 1 8  ? 8.122   8.129   3.477   1.00 73.65  ? 8   G   A P     1 
ATOM   158 O OP1   . G   A 1 8  ? 8.908   9.373   3.688   1.00 73.24  ? 8   G   A OP1   1 
ATOM   159 O OP2   . G   A 1 8  ? 6.866   8.186   2.687   1.00 72.64  ? 8   G   A OP2   1 
ATOM   160 O "O5'" . G   A 1 8  ? 9.037   7.014   2.801   1.00 73.00  ? 8   G   A "O5'" 1 
ATOM   161 C "C5'" . G   A 1 8  ? 10.343  6.760   3.277   1.00 70.89  ? 8   G   A "C5'" 1 
ATOM   162 C "C4'" . G   A 1 8  ? 11.008  5.714   2.417   1.00 70.31  ? 8   G   A "C4'" 1 
ATOM   163 O "O4'" . G   A 1 8  ? 10.351  4.425   2.563   1.00 69.93  ? 8   G   A "O4'" 1 
ATOM   164 C "C3'" . G   A 1 8  ? 10.981  5.974   0.928   1.00 69.20  ? 8   G   A "C3'" 1 
ATOM   165 O "O3'" . G   A 1 8  ? 11.965  6.914   0.547   1.00 72.21  ? 8   G   A "O3'" 1 
ATOM   166 C "C2'" . G   A 1 8  ? 11.283  4.592   0.397   1.00 67.59  ? 8   G   A "C2'" 1 
ATOM   167 O "O2'" . G   A 1 8  ? 12.656  4.225   0.643   1.00 64.17  ? 8   G   A "O2'" 1 
ATOM   168 C "C1'" . G   A 1 8  ? 10.399  3.750   1.310   1.00 68.63  ? 8   G   A "C1'" 1 
ATOM   169 N N9    . G   A 1 8  ? 9.033   3.652   0.811   1.00 68.94  ? 8   G   A N9    1 
ATOM   170 C C8    . G   A 1 8  ? 8.004   4.518   1.074   1.00 69.61  ? 8   G   A C8    1 
ATOM   171 N N7    . G   A 1 8  ? 6.887   4.178   0.496   1.00 70.11  ? 8   G   A N7    1 
ATOM   172 C C5    . G   A 1 8  ? 7.197   3.016   -0.191  1.00 69.66  ? 8   G   A C5    1 
ATOM   173 C C6    . G   A 1 8  ? 6.380   2.188   -0.993  1.00 71.12  ? 8   G   A C6    1 
ATOM   174 O O6    . G   A 1 8  ? 5.181   2.324   -1.265  1.00 72.82  ? 8   G   A O6    1 
ATOM   175 N N1    . G   A 1 8  ? 7.091   1.107   -1.504  1.00 71.87  ? 8   G   A N1    1 
ATOM   176 C C2    . G   A 1 8  ? 8.421   0.860   -1.270  1.00 72.29  ? 8   G   A C2    1 
ATOM   177 N N2    . G   A 1 8  ? 8.937   -0.231  -1.863  1.00 73.35  ? 8   G   A N2    1 
ATOM   178 N N3    . G   A 1 8  ? 9.193   1.628   -0.515  1.00 70.46  ? 8   G   A N3    1 
ATOM   179 C C4    . G   A 1 8  ? 8.519   2.679   -0.013  1.00 68.90  ? 8   G   A C4    1 
ATOM   180 P P     . C   A 1 9  ? 11.627  7.982   -0.601  1.00 71.96  ? 9   C   A P     1 
ATOM   181 O OP1   . C   A 1 9  ? 12.728  8.971   -0.521  1.00 71.29  ? 9   C   A OP1   1 
ATOM   182 O OP2   . C   A 1 9  ? 10.215  8.412   -0.448  1.00 70.13  ? 9   C   A OP2   1 
ATOM   183 O "O5'" . C   A 1 9  ? 11.722  7.160   -1.957  1.00 73.36  ? 9   C   A "O5'" 1 
ATOM   184 C "C5'" . C   A 1 9  ? 12.956  6.591   -2.365  1.00 76.37  ? 9   C   A "C5'" 1 
ATOM   185 C "C4'" . C   A 1 9  ? 12.730  5.558   -3.440  1.00 78.16  ? 9   C   A "C4'" 1 
ATOM   186 O "O4'" . C   A 1 9  ? 11.981  4.414   -2.920  1.00 78.73  ? 9   C   A "O4'" 1 
ATOM   187 C "C3'" . C   A 1 9  ? 11.930  6.014   -4.646  1.00 78.25  ? 9   C   A "C3'" 1 
ATOM   188 O "O3'" . C   A 1 9  ? 12.691  6.830   -5.527  1.00 77.97  ? 9   C   A "O3'" 1 
ATOM   189 C "C2'" . C   A 1 9  ? 11.563  4.673   -5.255  1.00 78.87  ? 9   C   A "C2'" 1 
ATOM   190 O "O2'" . C   A 1 9  ? 12.671  4.032   -5.911  1.00 79.21  ? 9   C   A "O2'" 1 
ATOM   191 C "C1'" . C   A 1 9  ? 11.215  3.873   -3.999  1.00 80.81  ? 9   C   A "C1'" 1 
ATOM   192 N N1    . C   A 1 9  ? 9.781   4.037   -3.708  1.00 83.17  ? 9   C   A N1    1 
ATOM   193 C C2    . C   A 1 9  ? 8.872   3.141   -4.270  1.00 83.84  ? 9   C   A C2    1 
ATOM   194 O O2    . C   A 1 9  ? 9.308   2.176   -4.917  1.00 82.95  ? 9   C   A O2    1 
ATOM   195 N N3    . C   A 1 9  ? 7.544   3.347   -4.093  1.00 85.60  ? 9   C   A N3    1 
ATOM   196 C C4    . C   A 1 9  ? 7.098   4.381   -3.383  1.00 86.01  ? 9   C   A C4    1 
ATOM   197 N N4    . C   A 1 9  ? 5.737   4.568   -3.277  1.00 86.24  ? 9   C   A N4    1 
ATOM   198 C C5    . C   A 1 9  ? 8.004   5.267   -2.764  1.00 85.16  ? 9   C   A C5    1 
ATOM   199 C C6    . C   A 1 9  ? 9.338   5.076   -2.934  1.00 84.51  ? 9   C   A C6    1 
ATOM   200 P P     . G   A 1 10 ? 11.942  7.765   -6.614  1.00 77.00  ? 10  G   A P     1 
ATOM   201 O OP1   . G   A 1 10 ? 13.037  8.428   -7.346  1.00 77.03  ? 10  G   A OP1   1 
ATOM   202 O OP2   . G   A 1 10 ? 10.885  8.588   -5.965  1.00 75.45  ? 10  G   A OP2   1 
ATOM   203 O "O5'" . G   A 1 10 ? 11.218  6.743   -7.596  1.00 74.43  ? 10  G   A "O5'" 1 
ATOM   204 C "C5'" . G   A 1 10 ? 11.980  5.856   -8.392  1.00 73.73  ? 10  G   A "C5'" 1 
ATOM   205 C "C4'" . G   A 1 10 ? 11.070  4.961   -9.176  1.00 73.79  ? 10  G   A "C4'" 1 
ATOM   206 O "O4'" . G   A 1 10 ? 10.297  4.140   -8.259  1.00 72.71  ? 10  G   A "O4'" 1 
ATOM   207 C "C3'" . G   A 1 10 ? 10.020  5.671   -10.008 1.00 73.84  ? 10  G   A "C3'" 1 
ATOM   208 O "O3'" . G   A 1 10 ? 10.544  6.163   -11.228 1.00 75.84  ? 10  G   A "O3'" 1 
ATOM   209 C "C2'" . G   A 1 10 ? 9.024   4.551   -10.240 1.00 73.08  ? 10  G   A "C2'" 1 
ATOM   210 O "O2'" . G   A 1 10 ? 9.445   3.598   -11.236 1.00 71.14  ? 10  G   A "O2'" 1 
ATOM   211 C "C1'" . G   A 1 10 ? 9.042   3.868   -8.874  1.00 72.70  ? 10  G   A "C1'" 1 
ATOM   212 N N9    . G   A 1 10 ? 7.984   4.407   -8.033  1.00 71.09  ? 10  G   A N9    1 
ATOM   213 C C8    . G   A 1 10 ? 8.106   5.276   -6.978  1.00 70.74  ? 10  G   A C8    1 
ATOM   214 N N7    . G   A 1 10 ? 6.955   5.608   -6.455  1.00 70.61  ? 10  G   A N7    1 
ATOM   215 C C5    . G   A 1 10 ? 6.022   4.908   -7.210  1.00 70.54  ? 10  G   A C5    1 
ATOM   216 C C6    . G   A 1 10 ? 4.606   4.872   -7.123  1.00 70.16  ? 10  G   A C6    1 
ATOM   217 O O6    . G   A 1 10 ? 3.867   5.484   -6.343  1.00 71.01  ? 10  G   A O6    1 
ATOM   218 N N1    . G   A 1 10 ? 4.057   4.019   -8.075  1.00 69.24  ? 10  G   A N1    1 
ATOM   219 C C2    . G   A 1 10 ? 4.778   3.296   -8.997  1.00 71.15  ? 10  G   A C2    1 
ATOM   220 N N2    . G   A 1 10 ? 4.071   2.521   -9.830  1.00 71.44  ? 10  G   A N2    1 
ATOM   221 N N3    . G   A 1 10 ? 6.097   3.328   -9.094  1.00 69.86  ? 10  G   A N3    1 
ATOM   222 C C4    . G   A 1 10 ? 6.648   4.150   -8.176  1.00 70.84  ? 10  G   A C4    1 
ATOM   223 P P     . G   A 1 11 ? 9.764   7.338   -11.997 1.00 76.57  ? 11  G   A P     1 
ATOM   224 O OP1   . G   A 1 11 ? 10.549  7.697   -13.203 1.00 75.75  ? 11  G   A OP1   1 
ATOM   225 O OP2   . G   A 1 11 ? 9.414   8.376   -10.998 1.00 77.36  ? 11  G   A OP2   1 
ATOM   226 O "O5'" . G   A 1 11 ? 8.411   6.660   -12.457 1.00 76.32  ? 11  G   A "O5'" 1 
ATOM   227 C "C5'" . G   A 1 11 ? 8.408   5.735   -13.510 1.00 75.55  ? 11  G   A "C5'" 1 
ATOM   228 C "C4'" . G   A 1 11 ? 7.010   5.263   -13.747 1.00 76.51  ? 11  G   A "C4'" 1 
ATOM   229 O "O4'" . G   A 1 11 ? 6.518   4.659   -12.519 1.00 74.94  ? 11  G   A "O4'" 1 
ATOM   230 C "C3'" . G   A 1 11 ? 5.992   6.349   -14.040 1.00 77.38  ? 11  G   A "C3'" 1 
ATOM   231 O "O3'" . G   A 1 11 ? 6.018   6.784   -15.386 1.00 81.02  ? 11  G   A "O3'" 1 
ATOM   232 C "C2'" . G   A 1 11 ? 4.712   5.609   -13.728 1.00 76.48  ? 11  G   A "C2'" 1 
ATOM   233 O "O2'" . G   A 1 11 ? 4.413   4.607   -14.746 1.00 76.13  ? 11  G   A "O2'" 1 
ATOM   234 C "C1'" . G   A 1 11 ? 5.119   4.899   -12.437 1.00 74.13  ? 11  G   A "C1'" 1 
ATOM   235 N N9    . G   A 1 11 ? 4.867   5.717   -11.255 1.00 70.94  ? 11  G   A N9    1 
ATOM   236 C C8    . G   A 1 11 ? 5.792   6.360   -10.473 1.00 69.50  ? 11  G   A C8    1 
ATOM   237 N N7    . G   A 1 11 ? 5.255   7.025   -9.485  1.00 67.25  ? 11  G   A N7    1 
ATOM   238 C C5    . G   A 1 11 ? 3.896   6.806   -9.624  1.00 67.29  ? 11  G   A C5    1 
ATOM   239 C C6    . G   A 1 11 ? 2.812   7.272   -8.847  1.00 68.14  ? 11  G   A C6    1 
ATOM   240 O O6    . G   A 1 11 ? 2.835   7.980   -7.835  1.00 67.49  ? 11  G   A O6    1 
ATOM   241 N N1    . G   A 1 11 ? 1.594   6.825   -9.352  1.00 71.28  ? 11  G   A N1    1 
ATOM   242 C C2    . G   A 1 11 ? 1.441   6.022   -10.461 1.00 71.13  ? 11  G   A C2    1 
ATOM   243 N N2    . G   A 1 11 ? 0.183   5.709   -10.805 1.00 70.46  ? 11  G   A N2    1 
ATOM   244 N N3    . G   A 1 11 ? 2.449   5.567   -11.182 1.00 70.78  ? 11  G   A N3    1 
ATOM   245 C C4    . G   A 1 11 ? 3.640   6.000   -10.711 1.00 69.87  ? 11  G   A C4    1 
ATOM   246 P P     . G   A 1 12 ? 5.655   8.312   -15.727 1.00 86.46  ? 12  G   A P     1 
ATOM   247 O OP1   . G   A 1 12 ? 5.841   8.479   -17.194 1.00 84.86  ? 12  G   A OP1   1 
ATOM   248 O OP2   . G   A 1 12 ? 6.423   9.181   -14.786 1.00 84.18  ? 12  G   A OP2   1 
ATOM   249 O "O5'" . G   A 1 12 ? 4.103   8.439   -15.363 1.00 86.62  ? 12  G   A "O5'" 1 
ATOM   250 C "C5'" . G   A 1 12 ? 3.106   7.700   -16.086 1.00 87.95  ? 12  G   A "C5'" 1 
ATOM   251 C "C4'" . G   A 1 12 ? 1.709   8.082   -15.624 1.00 89.30  ? 12  G   A "C4'" 1 
ATOM   252 O "O4'" . G   A 1 12 ? 1.461   7.647   -14.258 1.00 89.87  ? 12  G   A "O4'" 1 
ATOM   253 C "C3'" . G   A 1 12 ? 1.324   9.552   -15.706 1.00 90.24  ? 12  G   A "C3'" 1 
ATOM   254 O "O3'" . G   A 1 12 ? 0.750   9.706   -17.026 1.00 91.26  ? 12  G   A "O3'" 1 
ATOM   255 C "C2'" . G   A 1 12 ? 0.210   9.644   -14.666 1.00 90.35  ? 12  G   A "C2'" 1 
ATOM   256 O "O2'" . G   A 1 12 ? -1.177  9.781   -15.093 1.00 92.63  ? 12  G   A "O2'" 1 
ATOM   257 C "C1'" . G   A 1 12 ? 0.525   8.531   -13.658 1.00 88.95  ? 12  G   A "C1'" 1 
ATOM   258 N N9    . G   A 1 12 ? 1.133   9.078   -12.445 1.00 87.73  ? 12  G   A N9    1 
ATOM   259 C C8    . G   A 1 12 ? 2.468   9.325   -12.233 1.00 85.15  ? 12  G   A C8    1 
ATOM   260 N N7    . G   A 1 12 ? 2.709   9.895   -11.084 1.00 83.77  ? 12  G   A N7    1 
ATOM   261 C C5    . G   A 1 12 ? 1.461   10.018  -10.490 1.00 83.99  ? 12  G   A C5    1 
ATOM   262 C C6    . G   A 1 12 ? 1.087   10.588  -9.237  1.00 84.42  ? 12  G   A C6    1 
ATOM   263 O O6    . G   A 1 12 ? 1.808   11.138  -8.387  1.00 81.37  ? 12  G   A O6    1 
ATOM   264 N N1    . G   A 1 12 ? -0.284  10.492  -9.024  1.00 85.40  ? 12  G   A N1    1 
ATOM   265 C C2    . G   A 1 12 ? -1.183  9.940   -9.902  1.00 86.81  ? 12  G   A C2    1 
ATOM   266 N N2    . G   A 1 12 ? -2.463  9.938   -9.502  1.00 87.54  ? 12  G   A N2    1 
ATOM   267 N N3    . G   A 1 12 ? -0.852  9.424   -11.080 1.00 86.43  ? 12  G   A N3    1 
ATOM   268 C C4    . G   A 1 12 ? 0.477   9.496   -11.306 1.00 85.84  ? 12  G   A C4    1 
ATOM   269 O OP3   . C   B 2 1  ? -2.631  12.845  -0.834  1.00 112.84 ? 13  C   B OP3   1 
ATOM   270 P P     . C   B 2 1  ? -3.688  12.054  -0.063  1.00 113.10 ? 13  C   B P     1 
ATOM   271 O OP1   . C   B 2 1  ? -4.660  12.963  0.692   1.00 112.20 ? 13  C   B OP1   1 
ATOM   272 O OP2   . C   B 2 1  ? -3.075  10.969  0.822   1.00 111.13 ? 13  C   B OP2   1 
ATOM   273 O "O5'" . C   B 2 1  ? -4.572  11.278  -1.198  1.00 106.35 ? 13  C   B "O5'" 1 
ATOM   274 C "C5'" . C   B 2 1  ? -5.785  11.853  -1.715  1.00 97.69  ? 13  C   B "C5'" 1 
ATOM   275 C "C4'" . C   B 2 1  ? -5.928  11.537  -3.183  1.00 92.74  ? 13  C   B "C4'" 1 
ATOM   276 O "O4'" . C   B 2 1  ? -5.141  12.458  -3.983  1.00 91.30  ? 13  C   B "O4'" 1 
ATOM   277 C "C3'" . C   B 2 1  ? -5.483  10.154  -3.619  1.00 91.03  ? 13  C   B "C3'" 1 
ATOM   278 O "O3'" . C   B 2 1  ? -6.501  9.195   -3.363  1.00 90.62  ? 13  C   B "O3'" 1 
ATOM   279 C "C2'" . C   B 2 1  ? -5.277  10.350  -5.113  1.00 89.31  ? 13  C   B "C2'" 1 
ATOM   280 O "O2'" . C   B 2 1  ? -6.515  10.311  -5.851  1.00 87.03  ? 13  C   B "O2'" 1 
ATOM   281 C "C1'" . C   B 2 1  ? -4.725  11.778  -5.163  1.00 88.99  ? 13  C   B "C1'" 1 
ATOM   282 N N1    . C   B 2 1  ? -3.256  11.845  -5.238  1.00 87.63  ? 13  C   B N1    1 
ATOM   283 C C2    . C   B 2 1  ? -2.617  11.738  -6.477  1.00 86.44  ? 13  C   B C2    1 
ATOM   284 O O2    . C   B 2 1  ? -3.309  11.585  -7.497  1.00 84.17  ? 13  C   B O2    1 
ATOM   285 N N3    . C   B 2 1  ? -1.262  11.808  -6.526  1.00 85.89  ? 13  C   B N3    1 
ATOM   286 C C4    . C   B 2 1  ? -0.538  11.986  -5.414  1.00 84.84  ? 13  C   B C4    1 
ATOM   287 N N4    . C   B 2 1  ? 0.831   12.074  -5.520  1.00 82.49  ? 13  C   B N4    1 
ATOM   288 C C5    . C   B 2 1  ? -1.171  12.089  -4.158  1.00 85.36  ? 13  C   B C5    1 
ATOM   289 C C6    . C   B 2 1  ? -2.524  12.017  -4.093  1.00 86.91  ? 13  C   B C6    1 
ATOM   290 P P     . C   B 2 2  ? -6.104  7.661   -3.097  1.00 89.47  ? 14  C   B P     1 
ATOM   291 O OP1   . C   B 2 2  ? -7.311  7.017   -2.560  1.00 90.22  ? 14  C   B OP1   1 
ATOM   292 O OP2   . C   B 2 2  ? -4.839  7.625   -2.313  1.00 86.51  ? 14  C   B OP2   1 
ATOM   293 O "O5'" . C   B 2 2  ? -5.842  7.083   -4.554  1.00 88.59  ? 14  C   B "O5'" 1 
ATOM   294 C "C5'" . C   B 2 2  ? -6.899  7.012   -5.508  1.00 87.19  ? 14  C   B "C5'" 1 
ATOM   295 C "C4'" . C   B 2 2  ? -6.371  6.509   -6.830  1.00 87.65  ? 14  C   B "C4'" 1 
ATOM   296 O "O4'" . C   B 2 2  ? -5.535  7.508   -7.488  1.00 85.84  ? 14  C   B "O4'" 1 
ATOM   297 C "C3'" . C   B 2 2  ? -5.507  5.269   -6.722  1.00 87.52  ? 14  C   B "C3'" 1 
ATOM   298 O "O3'" . C   B 2 2  ? -6.319  4.105   -6.634  1.00 88.31  ? 14  C   B "O3'" 1 
ATOM   299 C "C2'" . C   B 2 2  ? -4.714  5.336   -8.016  1.00 86.36  ? 14  C   B "C2'" 1 
ATOM   300 O "O2'" . C   B 2 2  ? -5.490  4.902   -9.154  1.00 85.42  ? 14  C   B "O2'" 1 
ATOM   301 C "C1'" . C   B 2 2  ? -4.453  6.841   -8.131  1.00 84.93  ? 14  C   B "C1'" 1 
ATOM   302 N N1    . C   B 2 2  ? -3.193  7.265   -7.482  1.00 83.54  ? 14  C   B N1    1 
ATOM   303 C C2    . C   B 2 2  ? -1.984  7.215   -8.191  1.00 81.78  ? 14  C   B C2    1 
ATOM   304 O O2    . C   B 2 2  ? -1.994  6.842   -9.369  1.00 81.33  ? 14  C   B O2    1 
ATOM   305 N N3    . C   B 2 2  ? -0.835  7.583   -7.574  1.00 81.80  ? 14  C   B N3    1 
ATOM   306 C C4    . C   B 2 2  ? -0.837  8.004   -6.311  1.00 82.52  ? 14  C   B C4    1 
ATOM   307 N N4    . C   B 2 2  ? 0.367   8.372   -5.731  1.00 80.38  ? 14  C   B N4    1 
ATOM   308 C C5    . C   B 2 2  ? -2.050  8.072   -5.584  1.00 81.77  ? 14  C   B C5    1 
ATOM   309 C C6    . C   B 2 2  ? -3.210  7.700   -6.184  1.00 82.31  ? 14  C   B C6    1 
ATOM   310 P P     . U   B 2 3  ? -5.719  2.765   -5.984  1.00 89.51  ? 15  U   B P     1 
ATOM   311 O OP1   . U   B 2 3  ? -6.750  1.717   -6.173  1.00 88.98  ? 15  U   B OP1   1 
ATOM   312 O OP2   . U   B 2 3  ? -5.223  3.058   -4.614  1.00 87.54  ? 15  U   B OP2   1 
ATOM   313 O "O5'" . U   B 2 3  ? -4.455  2.442   -6.900  1.00 87.53  ? 15  U   B "O5'" 1 
ATOM   314 C "C5'" . U   B 2 3  ? -4.613  2.144   -8.279  1.00 85.38  ? 15  U   B "C5'" 1 
ATOM   315 C "C4'" . U   B 2 3  ? -3.263  2.003   -8.940  1.00 85.48  ? 15  U   B "C4'" 1 
ATOM   316 O "O4'" . U   B 2 3  ? -2.554  3.277   -8.932  1.00 85.19  ? 15  U   B "O4'" 1 
ATOM   317 C "C3'" . U   B 2 3  ? -2.290  1.023   -8.307  1.00 85.19  ? 15  U   B "C3'" 1 
ATOM   318 O "O3'" . U   B 2 3  ? -2.553  -0.316  -8.696  1.00 84.66  ? 15  U   B "O3'" 1 
ATOM   319 C "C2'" . U   B 2 3  ? -0.975  1.483   -8.904  1.00 85.11  ? 15  U   B "C2'" 1 
ATOM   320 O "O2'" . U   B 2 3  ? -0.835  1.036   -10.283 1.00 86.03  ? 15  U   B "O2'" 1 
ATOM   321 C "C1'" . U   B 2 3  ? -1.154  3.003   -8.884  1.00 83.67  ? 15  U   B "C1'" 1 
ATOM   322 N N1    . U   B 2 3  ? -0.595  3.633   -7.678  1.00 81.25  ? 15  U   B N1    1 
ATOM   323 C C2    . U   B 2 3  ? 0.758   3.898   -7.662  1.00 80.70  ? 15  U   B C2    1 
ATOM   324 O O2    . U   B 2 3  ? 1.502   3.614   -8.590  1.00 82.15  ? 15  U   B O2    1 
ATOM   325 N N3    . U   B 2 3  ? 1.215   4.508   -6.524  1.00 78.44  ? 15  U   B N3    1 
ATOM   326 C C4    . U   B 2 3  ? 0.481   4.875   -5.428  1.00 77.71  ? 15  U   B C4    1 
ATOM   327 O O4    . U   B 2 3  ? 1.029   5.498   -4.518  1.00 79.26  ? 15  U   B O4    1 
ATOM   328 C C5    . U   B 2 3  ? -0.905  4.552   -5.508  1.00 78.00  ? 15  U   B C5    1 
ATOM   329 C C6    . U   B 2 3  ? -1.385  3.957   -6.603  1.00 80.32  ? 15  U   B C6    1 
ATOM   330 P P     . G   B 2 4  ? -1.857  -1.524  -7.898  1.00 84.80  ? 16  G   B P     1 
ATOM   331 O OP1   . G   B 2 4  ? -2.540  -2.759  -8.355  1.00 85.31  ? 16  G   B OP1   1 
ATOM   332 O OP2   . G   B 2 4  ? -1.826  -1.195  -6.450  1.00 82.40  ? 16  G   B OP2   1 
ATOM   333 O "O5'" . G   B 2 4  ? -0.351  -1.521  -8.420  1.00 84.24  ? 16  G   B "O5'" 1 
ATOM   334 C "C5'" . G   B 2 4  ? 0.012   -2.183  -9.634  1.00 82.65  ? 16  G   B "C5'" 1 
ATOM   335 C "C4'" . G   B 2 4  ? 1.503   -2.422  -9.670  1.00 81.05  ? 16  G   B "C4'" 1 
ATOM   336 O "O4'" . G   B 2 4  ? 2.209   -1.153  -9.748  1.00 80.85  ? 16  G   B "O4'" 1 
ATOM   337 C "C3'" . G   B 2 4  ? 2.087   -3.121  -8.454  1.00 80.69  ? 16  G   B "C3'" 1 
ATOM   338 O "O3'" . G   B 2 4  ? 1.966   -4.534  -8.553  1.00 80.44  ? 16  G   B "O3'" 1 
ATOM   339 C "C2'" . G   B 2 4  ? 3.542   -2.715  -8.545  1.00 80.61  ? 16  G   B "C2'" 1 
ATOM   340 O "O2'" . G   B 2 4  ? 4.225   -3.479  -9.571  1.00 79.61  ? 16  G   B "O2'" 1 
ATOM   341 C "C1'" . G   B 2 4  ? 3.415   -1.259  -9.001  1.00 79.28  ? 16  G   B "C1'" 1 
ATOM   342 N N9    . G   B 2 4  ? 3.345   -0.307  -7.896  1.00 78.22  ? 16  G   B N9    1 
ATOM   343 C C8    . G   B 2 4  ? 2.211   0.149   -7.271  1.00 78.52  ? 16  G   B C8    1 
ATOM   344 N N7    . G   B 2 4  ? 2.458   1.015   -6.326  1.00 77.10  ? 16  G   B N7    1 
ATOM   345 C C5    . G   B 2 4  ? 3.839   1.135   -6.325  1.00 77.22  ? 16  G   B C5    1 
ATOM   346 C C6    . G   B 2 4  ? 4.690   1.941   -5.529  1.00 77.61  ? 16  G   B C6    1 
ATOM   347 O O6    . G   B 2 4  ? 4.388   2.738   -4.631  1.00 78.03  ? 16  G   B O6    1 
ATOM   348 N N1    . G   B 2 4  ? 6.022   1.757   -5.865  1.00 77.37  ? 16  G   B N1    1 
ATOM   349 C C2    . G   B 2 4  ? 6.480   0.912   -6.839  1.00 78.44  ? 16  G   B C2    1 
ATOM   350 N N2    . G   B 2 4  ? 7.814   0.879   -7.018  1.00 79.36  ? 16  G   B N2    1 
ATOM   351 N N3    . G   B 2 4  ? 5.699   0.157   -7.587  1.00 78.89  ? 16  G   B N3    1 
ATOM   352 C C4    . G   B 2 4  ? 4.400   0.320   -7.282  1.00 77.73  ? 16  G   B C4    1 
ATOM   353 P P     . C   B 2 5  ? 2.193   -5.447  -7.244  1.00 80.56  ? 17  C   B P     1 
ATOM   354 O OP1   . C   B 2 5  ? 2.134   -6.855  -7.717  1.00 78.73  ? 17  C   B OP1   1 
ATOM   355 O OP2   . C   B 2 5  ? 1.266   -4.995  -6.168  1.00 75.45  ? 17  C   B OP2   1 
ATOM   356 O "O5'" . C   B 2 5  ? 3.688   -5.109  -6.802  1.00 79.33  ? 17  C   B "O5'" 1 
ATOM   357 C "C5'" . C   B 2 5  ? 4.807   -5.681  -7.495  1.00 78.18  ? 17  C   B "C5'" 1 
ATOM   358 C "C4'" . C   B 2 5  ? 6.097   -5.373  -6.769  1.00 76.99  ? 17  C   B "C4'" 1 
ATOM   359 O "O4'" . C   B 2 5  ? 6.396   -3.945  -6.842  1.00 75.34  ? 17  C   B "O4'" 1 
ATOM   360 C "C3'" . C   B 2 5  ? 6.113   -5.705  -5.286  1.00 76.62  ? 17  C   B "C3'" 1 
ATOM   361 O "O3'" . C   B 2 5  ? 6.357   -7.086  -5.043  1.00 77.73  ? 17  C   B "O3'" 1 
ATOM   362 C "C2'" . C   B 2 5  ? 7.243   -4.818  -4.791  1.00 75.71  ? 17  C   B "C2'" 1 
ATOM   363 O "O2'" . C   B 2 5  ? 8.549   -5.331  -5.117  1.00 75.22  ? 17  C   B "O2'" 1 
ATOM   364 C "C1'" . C   B 2 5  ? 7.004   -3.553  -5.615  1.00 76.04  ? 17  C   B "C1'" 1 
ATOM   365 N N1    . C   B 2 5  ? 6.098   -2.624  -4.921  1.00 76.74  ? 17  C   B N1    1 
ATOM   366 C C2    . C   B 2 5  ? 6.618   -1.665  -4.034  1.00 76.66  ? 17  C   B C2    1 
ATOM   367 O O2    . C   B 2 5  ? 7.852   -1.596  -3.872  1.00 75.49  ? 17  C   B O2    1 
ATOM   368 N N3    . C   B 2 5  ? 5.766   -0.837  -3.384  1.00 75.58  ? 17  C   B N3    1 
ATOM   369 C C4    . C   B 2 5  ? 4.458   -0.919  -3.584  1.00 75.04  ? 17  C   B C4    1 
ATOM   370 N N4    . C   B 2 5  ? 3.637   -0.063  -2.906  1.00 70.90  ? 17  C   B N4    1 
ATOM   371 C C5    . C   B 2 5  ? 3.925   -1.869  -4.479  1.00 75.82  ? 17  C   B C5    1 
ATOM   372 C C6    . C   B 2 5  ? 4.752   -2.709  -5.135  1.00 75.17  ? 17  C   B C6    1 
ATOM   373 P P     . A   B 2 6  ? 5.875   -7.755  -3.649  1.00 80.25  ? 18  A   B P     1 
ATOM   374 O OP1   . A   B 2 6  ? 6.179   -9.206  -3.765  1.00 78.54  ? 18  A   B OP1   1 
ATOM   375 O OP2   . A   B 2 6  ? 4.488   -7.327  -3.330  1.00 79.59  ? 18  A   B OP2   1 
ATOM   376 O "O5'" . A   B 2 6  ? 6.805   -7.085  -2.536  1.00 75.73  ? 18  A   B "O5'" 1 
ATOM   377 C "C5'" . A   B 2 6  ? 8.198   -7.312  -2.534  1.00 71.93  ? 18  A   B "C5'" 1 
ATOM   378 C "C4'" . A   B 2 6  ? 8.846   -6.548  -1.414  1.00 71.52  ? 18  A   B "C4'" 1 
ATOM   379 O "O4'" . A   B 2 6  ? 8.882   -5.123  -1.703  1.00 70.88  ? 18  A   B "O4'" 1 
ATOM   380 C "C3'" . A   B 2 6  ? 8.191   -6.656  -0.055  1.00 70.97  ? 18  A   B "C3'" 1 
ATOM   381 O "O3'" . A   B 2 6  ? 8.523   -7.888  0.569   1.00 71.56  ? 18  A   B "O3'" 1 
ATOM   382 C "C2'" . A   B 2 6  ? 8.805   -5.453  0.643   1.00 70.01  ? 18  A   B "C2'" 1 
ATOM   383 O "O2'" . A   B 2 6  ? 10.203  -5.653  0.981   1.00 71.06  ? 18  A   B "O2'" 1 
ATOM   384 C "C1'" . A   B 2 6  ? 8.755   -4.416  -0.478  1.00 69.25  ? 18  A   B "C1'" 1 
ATOM   385 N N9    . A   B 2 6  ? 7.489   -3.688  -0.517  1.00 69.23  ? 18  A   B N9    1 
ATOM   386 C C8    . A   B 2 6  ? 6.391   -3.970  -1.288  1.00 68.73  ? 18  A   B C8    1 
ATOM   387 N N7    . A   B 2 6  ? 5.390   -3.145  -1.103  1.00 69.14  ? 18  A   B N7    1 
ATOM   388 C C5    . A   B 2 6  ? 5.862   -2.257  -0.150  1.00 67.56  ? 18  A   B C5    1 
ATOM   389 C C6    . A   B 2 6  ? 5.281   -1.151  0.469   1.00 67.37  ? 18  A   B C6    1 
ATOM   390 N N6    . A   B 2 6  ? 4.054   -0.714  0.196   1.00 66.88  ? 18  A   B N6    1 
ATOM   391 N N1    . A   B 2 6  ? 6.013   -0.491  1.388   1.00 68.86  ? 18  A   B N1    1 
ATOM   392 C C2    . A   B 2 6  ? 7.257   -0.918  1.644   1.00 67.89  ? 18  A   B C2    1 
ATOM   393 N N3    . A   B 2 6  ? 7.917   -1.936  1.120   1.00 65.97  ? 18  A   B N3    1 
ATOM   394 C C4    . A   B 2 6  ? 7.153   -2.578  0.220   1.00 67.63  ? 18  A   B C4    1 
ATOM   395 P P     . C   B 2 7  ? 7.519   -8.533  1.649   1.00 73.51  ? 19  C   B P     1 
ATOM   396 O OP1   . C   B 2 7  ? 8.107   -9.824  2.074   1.00 72.26  ? 19  C   B OP1   1 
ATOM   397 O OP2   . C   B 2 7  ? 6.151   -8.502  1.077   1.00 74.56  ? 19  C   B OP2   1 
ATOM   398 O "O5'" . C   B 2 7  ? 7.554   -7.515  2.872   1.00 72.59  ? 19  C   B "O5'" 1 
ATOM   399 C "C5'" . C   B 2 7  ? 8.712   -7.393  3.663   1.00 72.80  ? 19  C   B "C5'" 1 
ATOM   400 C "C4'" . C   B 2 7  ? 8.564   -6.245  4.624   1.00 74.77  ? 19  C   B "C4'" 1 
ATOM   401 O "O4'" . C   B 2 7  ? 8.505   -4.983  3.903   1.00 74.22  ? 19  C   B "O4'" 1 
ATOM   402 C "C3'" . C   B 2 7  ? 7.325   -6.238  5.497   1.00 75.28  ? 19  C   B "C3'" 1 
ATOM   403 O "O3'" . C   B 2 7  ? 7.434   -7.145  6.593   1.00 76.11  ? 19  C   B "O3'" 1 
ATOM   404 C "C2'" . C   B 2 7  ? 7.321   -4.787  5.946   1.00 76.01  ? 19  C   B "C2'" 1 
ATOM   405 O "O2'" . C   B 2 7  ? 8.355   -4.498  6.927   1.00 76.75  ? 19  C   B "O2'" 1 
ATOM   406 C "C1'" . C   B 2 7  ? 7.689   -4.082  4.643   1.00 73.92  ? 19  C   B "C1'" 1 
ATOM   407 N N1    . C   B 2 7  ? 6.487   -3.795  3.851   1.00 72.68  ? 19  C   B N1    1 
ATOM   408 C C2    . C   B 2 7  ? 5.797   -2.611  4.051   1.00 71.98  ? 19  C   B C2    1 
ATOM   409 O O2    . C   B 2 7  ? 6.250   -1.789  4.842   1.00 75.14  ? 19  C   B O2    1 
ATOM   410 N N3    . C   B 2 7  ? 4.656   -2.384  3.374   1.00 71.72  ? 19  C   B N3    1 
ATOM   411 C C4    . C   B 2 7  ? 4.197   -3.267  2.515   1.00 71.65  ? 19  C   B C4    1 
ATOM   412 N N4    . C   B 2 7  ? 3.015   -3.002  1.876   1.00 71.68  ? 19  C   B N4    1 
ATOM   413 C C5    . C   B 2 7  ? 4.900   -4.455  2.264   1.00 72.19  ? 19  C   B C5    1 
ATOM   414 C C6    . C   B 2 7  ? 6.042   -4.705  2.939   1.00 72.84  ? 19  C   B C6    1 
ATOM   415 P P     . U   B 2 8  ? 6.099   -7.753  7.263   1.00 76.50  ? 20  U   B P     1 
ATOM   416 O OP1   . U   B 2 8  ? 6.535   -8.584  8.413   1.00 79.14  ? 20  U   B OP1   1 
ATOM   417 O OP2   . U   B 2 8  ? 5.264   -8.363  6.200   1.00 76.99  ? 20  U   B OP2   1 
ATOM   418 O "O5'" . U   B 2 8  ? 5.312   -6.479  7.810   1.00 75.07  ? 20  U   B "O5'" 1 
ATOM   419 C "C5'" . U   B 2 8  ? 5.876   -5.655  8.825   1.00 72.87  ? 20  U   B "C5'" 1 
ATOM   420 C "C4'" . U   B 2 8  ? 5.018   -4.431  9.057   1.00 72.97  ? 20  U   B "C4'" 1 
ATOM   421 O "O4'" . U   B 2 8  ? 4.922   -3.618  7.852   1.00 74.21  ? 20  U   B "O4'" 1 
ATOM   422 C "C3'" . U   B 2 8  ? 3.576   -4.651  9.475   1.00 72.15  ? 20  U   B "C3'" 1 
ATOM   423 O "O3'" . U   B 2 8  ? 3.499   -4.955  10.858  1.00 72.55  ? 20  U   B "O3'" 1 
ATOM   424 C "C2'" . U   B 2 8  ? 2.982   -3.283  9.185   1.00 72.03  ? 20  U   B "C2'" 1 
ATOM   425 O "O2'" . U   B 2 8  ? 3.370   -2.284  10.161  1.00 68.71  ? 20  U   B "O2'" 1 
ATOM   426 C "C1'" . U   B 2 8  ? 3.664   -2.948  7.862   1.00 72.33  ? 20  U   B "C1'" 1 
ATOM   427 N N1    . U   B 2 8  ? 2.890   -3.408  6.699   1.00 72.86  ? 20  U   B N1    1 
ATOM   428 C C2    . U   B 2 8  ? 1.935   -2.560  6.184   1.00 73.16  ? 20  U   B C2    1 
ATOM   429 O O2    . U   B 2 8  ? 1.677   -1.472  6.679   1.00 74.85  ? 20  U   B O2    1 
ATOM   430 N N3    . U   B 2 8  ? 1.281   -3.034  5.073   1.00 72.31  ? 20  U   B N3    1 
ATOM   431 C C4    . U   B 2 8  ? 1.475   -4.245  4.451   1.00 71.29  ? 20  U   B C4    1 
ATOM   432 O O4    . U   B 2 8  ? 0.878   -4.490  3.403   1.00 72.64  ? 20  U   B O4    1 
ATOM   433 C C5    . U   B 2 8  ? 2.455   -5.074  5.063   1.00 71.42  ? 20  U   B C5    1 
ATOM   434 C C6    . U   B 2 8  ? 3.116   -4.639  6.137   1.00 72.30  ? 20  U   B C6    1 
ATOM   435 P P     . G   B 2 9  ? 2.137   -5.534  11.472  1.00 72.92  ? 21  G   B P     1 
ATOM   436 O OP1   . G   B 2 9  ? 2.488   -6.071  12.811  1.00 74.20  ? 21  G   B OP1   1 
ATOM   437 O OP2   . G   B 2 9  ? 1.488   -6.423  10.473  1.00 69.34  ? 21  G   B OP2   1 
ATOM   438 O "O5'" . G   B 2 9  ? 1.234   -4.242  11.692  1.00 72.91  ? 21  G   B "O5'" 1 
ATOM   439 C "C5'" . G   B 2 9  ? 1.463   -3.397  12.808  1.00 73.60  ? 21  G   B "C5'" 1 
ATOM   440 C "C4'" . G   B 2 9  ? 0.261   -2.525  13.068  1.00 73.52  ? 21  G   B "C4'" 1 
ATOM   441 O "O4'" . G   B 2 9  ? 0.142   -1.485  12.051  1.00 74.21  ? 21  G   B "O4'" 1 
ATOM   442 C "C3'" . G   B 2 9  ? -1.083  -3.226  13.094  1.00 72.98  ? 21  G   B "C3'" 1 
ATOM   443 O "O3'" . G   B 2 9  ? -1.335  -3.871  14.331  1.00 72.20  ? 21  G   B "O3'" 1 
ATOM   444 C "C2'" . G   B 2 9  ? -2.018  -2.059  12.853  1.00 74.61  ? 21  G   B "C2'" 1 
ATOM   445 O "O2'" . G   B 2 9  ? -2.145  -1.194  14.005  1.00 73.62  ? 21  G   B "O2'" 1 
ATOM   446 C "C1'" . G   B 2 9  ? -1.245  -1.307  11.770  1.00 75.49  ? 21  G   B "C1'" 1 
ATOM   447 N N9    . G   B 2 9  ? -1.515  -1.849  10.438  1.00 74.98  ? 21  G   B N9    1 
ATOM   448 C C8    . G   B 2 9  ? -0.762  -2.760  9.731   1.00 74.46  ? 21  G   B C8    1 
ATOM   449 N N7    . G   B 2 9  ? -1.265  -3.043  8.559   1.00 73.05  ? 21  G   B N7    1 
ATOM   450 C C5    . G   B 2 9  ? -2.419  -2.275  8.492   1.00 73.33  ? 21  G   B C5    1 
ATOM   451 C C6    . G   B 2 9  ? -3.391  -2.162  7.464   1.00 72.44  ? 21  G   B C6    1 
ATOM   452 O O6    . G   B 2 9  ? -3.424  -2.726  6.363   1.00 72.58  ? 21  G   B O6    1 
ATOM   453 N N1    . G   B 2 9  ? -4.408  -1.285  7.821   1.00 73.19  ? 21  G   B N1    1 
ATOM   454 C C2    . G   B 2 9  ? -4.485  -0.602  9.012   1.00 73.71  ? 21  G   B C2    1 
ATOM   455 N N2    . G   B 2 9  ? -5.553  0.194   9.179   1.00 72.24  ? 21  G   B N2    1 
ATOM   456 N N3    . G   B 2 9  ? -3.583  -0.695  9.974   1.00 74.73  ? 21  G   B N3    1 
ATOM   457 C C4    . G   B 2 9  ? -2.588  -1.541  9.649   1.00 74.18  ? 21  G   B C4    1 
ATOM   458 P P     . C   B 2 10 ? -2.382  -5.088  14.392  1.00 72.88  ? 22  C   B P     1 
ATOM   459 O OP1   . C   B 2 10 ? -2.455  -5.537  15.796  1.00 72.93  ? 22  C   B OP1   1 
ATOM   460 O OP2   . C   B 2 10 ? -2.058  -6.077  13.327  1.00 71.60  ? 22  C   B OP2   1 
ATOM   461 O "O5'" . C   B 2 10 ? -3.755  -4.386  14.010  1.00 71.72  ? 22  C   B "O5'" 1 
ATOM   462 C "C5'" . C   B 2 10 ? -4.299  -3.358  14.823  1.00 70.64  ? 22  C   B "C5'" 1 
ATOM   463 C "C4'" . C   B 2 10 ? -5.621  -2.920  14.259  1.00 71.32  ? 22  C   B "C4'" 1 
ATOM   464 O "O4'" . C   B 2 10 ? -5.411  -2.192  13.013  1.00 71.00  ? 22  C   B "O4'" 1 
ATOM   465 C "C3'" . C   B 2 10 ? -6.540  -4.068  13.884  1.00 72.44  ? 22  C   B "C3'" 1 
ATOM   466 O "O3'" . C   B 2 10 ? -7.253  -4.570  15.002  1.00 74.21  ? 22  C   B "O3'" 1 
ATOM   467 C "C2'" . C   B 2 10 ? -7.450  -3.403  12.870  1.00 70.86  ? 22  C   B "C2'" 1 
ATOM   468 O "O2'" . C   B 2 10 ? -8.435  -2.546  13.511  1.00 67.68  ? 22  C   B "O2'" 1 
ATOM   469 C "C1'" . C   B 2 10 ? -6.442  -2.544  12.097  1.00 69.01  ? 22  C   B "C1'" 1 
ATOM   470 N N1    . C   B 2 10 ? -5.816  -3.258  10.963  1.00 67.11  ? 22  C   B N1    1 
ATOM   471 C C2    . C   B 2 10 ? -6.432  -3.305  9.693   1.00 63.91  ? 22  C   B C2    1 
ATOM   472 O O2    . C   B 2 10 ? -7.499  -2.707  9.511   1.00 63.64  ? 22  C   B O2    1 
ATOM   473 N N3    . C   B 2 10 ? -5.844  -4.002  8.702   1.00 60.69  ? 22  C   B N3    1 
ATOM   474 C C4    . C   B 2 10 ? -4.706  -4.637  8.892   1.00 61.86  ? 22  C   B C4    1 
ATOM   475 N N4    . C   B 2 10 ? -4.167  -5.346  7.843   1.00 58.86  ? 22  C   B N4    1 
ATOM   476 C C5    . C   B 2 10 ? -4.059  -4.590  10.143  1.00 65.66  ? 22  C   B C5    1 
ATOM   477 C C6    . C   B 2 10 ? -4.626  -3.894  11.165  1.00 68.30  ? 22  C   B C6    1 
ATOM   478 P P     . C   B 2 11 ? -7.704  -6.112  15.027  1.00 77.80  ? 23  C   B P     1 
ATOM   479 O OP1   . C   B 2 11 ? -8.260  -6.366  16.384  1.00 76.92  ? 23  C   B OP1   1 
ATOM   480 O OP2   . C   B 2 11 ? -6.582  -6.952  14.522  1.00 75.11  ? 23  C   B OP2   1 
ATOM   481 O "O5'" . C   B 2 11 ? -8.874  -6.181  13.949  1.00 77.62  ? 23  C   B "O5'" 1 
ATOM   482 C "C5'" . C   B 2 11 ? -10.150 -5.623  14.220  1.00 78.19  ? 23  C   B "C5'" 1 
ATOM   483 C "C4'" . C   B 2 11 ? -11.070 -5.861  13.053  1.00 79.73  ? 23  C   B "C4'" 1 
ATOM   484 O "O4'" . C   B 2 11 ? -10.607 -5.097  11.902  1.00 77.73  ? 23  C   B "O4'" 1 
ATOM   485 C "C3'" . C   B 2 11 ? -11.137 -7.300  12.565  1.00 80.35  ? 23  C   B "C3'" 1 
ATOM   486 O "O3'" . C   B 2 11 ? -12.024 -8.099  13.327  1.00 81.23  ? 23  C   B "O3'" 1 
ATOM   487 C "C2'" . C   B 2 11 ? -11.642 -7.115  11.148  1.00 78.72  ? 23  C   B "C2'" 1 
ATOM   488 O "O2'" . C   B 2 11 ? -13.068 -6.839  11.097  1.00 77.29  ? 23  C   B "O2'" 1 
ATOM   489 C "C1'" . C   B 2 11 ? -10.854 -5.872  10.730  1.00 77.50  ? 23  C   B "C1'" 1 
ATOM   490 N N1    . C   B 2 11 ? -9.557  -6.222  10.131  1.00 74.88  ? 23  C   B N1    1 
ATOM   491 C C2    . C   B 2 11 ? -9.527  -6.713  8.829   1.00 75.02  ? 23  C   B C2    1 
ATOM   492 O O2    . C   B 2 11 ? -10.592 -6.829  8.220   1.00 77.75  ? 23  C   B O2    1 
ATOM   493 N N3    . C   B 2 11 ? -8.345  -7.052  8.263   1.00 74.54  ? 23  C   B N3    1 
ATOM   494 C C4    . C   B 2 11 ? -7.208  -6.927  8.930   1.00 72.31  ? 23  C   B C4    1 
ATOM   495 N N4    . C   B 2 11 ? -6.038  -7.297  8.303   1.00 65.86  ? 23  C   B N4    1 
ATOM   496 C C5    . C   B 2 11 ? -7.213  -6.424  10.259  1.00 72.82  ? 23  C   B C5    1 
ATOM   497 C C6    . C   B 2 11 ? -8.398  -6.077  10.840  1.00 72.66  ? 23  C   B C6    1 
ATOM   498 P P     . C   B 2 12 ? -11.908 -9.696  13.246  1.00 83.27  ? 24  C   B P     1 
ATOM   499 O OP1   . C   B 2 12 ? -12.859 -10.220 14.244  1.00 84.14  ? 24  C   B OP1   1 
ATOM   500 O OP2   . C   B 2 12 ? -10.472 -10.076 13.320  1.00 83.28  ? 24  C   B OP2   1 
ATOM   501 O "O5'" . C   B 2 12 ? -12.419 -10.071 11.785  1.00 83.18  ? 24  C   B "O5'" 1 
ATOM   502 C "C5'" . C   B 2 12 ? -13.803 -10.206 11.512  1.00 83.14  ? 24  C   B "C5'" 1 
ATOM   503 C "C4'" . C   B 2 12 ? -14.021 -10.578 10.063  1.00 84.58  ? 24  C   B "C4'" 1 
ATOM   504 O "O4'" . C   B 2 12 ? -13.222 -9.704  9.214   1.00 84.14  ? 24  C   B "O4'" 1 
ATOM   505 C "C3'" . C   B 2 12 ? -13.717 -12.011 9.630   1.00 83.47  ? 24  C   B "C3'" 1 
ATOM   506 O "O3'" . C   B 2 12 ? -14.961 -12.690 9.834   1.00 83.09  ? 24  C   B "O3'" 1 
ATOM   507 C "C2'" . C   B 2 12 ? -13.504 -11.808 8.138   1.00 82.95  ? 24  C   B "C2'" 1 
ATOM   508 O "O2'" . C   B 2 12 ? -14.523 -12.168 7.159   1.00 79.98  ? 24  C   B "O2'" 1 
ATOM   509 C "C1'" . C   B 2 12 ? -12.869 -10.421 8.043   1.00 84.67  ? 24  C   B "C1'" 1 
ATOM   510 N N1    . C   B 2 12 ? -11.403 -10.530 8.016   1.00 87.36  ? 24  C   B N1    1 
ATOM   511 C C2    . C   B 2 12 ? -10.742 -10.857 6.822   1.00 89.71  ? 24  C   B C2    1 
ATOM   512 O O2    . C   B 2 12 ? -11.416 -11.020 5.786   1.00 92.51  ? 24  C   B O2    1 
ATOM   513 N N3    . C   B 2 12 ? -9.393  -10.989 6.826   1.00 88.79  ? 24  C   B N3    1 
ATOM   514 C C4    . C   B 2 12 ? -8.697  -10.814 7.940   1.00 89.53  ? 24  C   B C4    1 
ATOM   515 N N4    . C   B 2 12 ? -7.336  -10.983 7.895   1.00 89.92  ? 24  C   B N4    1 
ATOM   516 C C5    . C   B 2 12 ? -9.341  -10.469 9.146   1.00 89.48  ? 24  C   B C5    1 
ATOM   517 C C6    . C   B 2 12 ? -10.690 -10.328 9.163   1.00 88.81  ? 24  C   B C6    1 
HETATM 518 O O     . HOH C 3 .  ? -3.436  -5.762  4.347   1.00 63.84  ? 101 HOH A O     1 
HETATM 519 O O     . HOH C 3 .  ? 12.107  3.481   6.228   1.00 63.02  ? 102 HOH A O     1 
HETATM 520 O O     . HOH C 3 .  ? 10.216  8.764   -18.006 1.00 73.19  ? 103 HOH A O     1 
HETATM 521 O O     . HOH C 3 .  ? 13.136  9.550   -17.041 1.00 53.33  ? 104 HOH A O     1 
HETATM 522 O O     . HOH C 3 .  ? 9.785   10.564  -20.585 1.00 59.81  ? 105 HOH A O     1 
HETATM 523 O O     . HOH C 3 .  ? 12.411  6.583   -15.845 1.00 59.49  ? 106 HOH A O     1 
HETATM 524 O O     . HOH C 3 .  ? 8.380   8.179   -21.204 1.00 67.79  ? 107 HOH A O     1 
HETATM 525 O O     . HOH C 3 .  ? 12.444  8.580   -24.075 1.00 50.71  ? 108 HOH A O     1 
HETATM 526 O O     . HOH C 3 .  ? -4.164  -9.869  -11.933 1.00 68.34  ? 109 HOH A O     1 
HETATM 527 O O     . HOH C 3 .  ? 3.738   8.652   12.997  1.00 64.66  ? 110 HOH A O     1 
HETATM 528 O O     . HOH C 3 .  ? 9.477   13.043  -26.654 1.00 68.94  ? 111 HOH A O     1 
HETATM 529 O O     . HOH C 3 .  ? 13.331  14.256  -22.951 1.00 65.37  ? 112 HOH A O     1 
HETATM 530 O O     . HOH C 3 .  ? 16.511  13.600  -4.770  1.00 69.02  ? 113 HOH A O     1 
HETATM 531 O O     . HOH C 3 .  ? 4.200   7.065   10.846  1.00 65.36  ? 114 HOH A O     1 
HETATM 532 O O     . HOH D 3 .  ? -1.443  -3.713  2.571   1.00 66.93  ? 101 HOH B O     1 
HETATM 533 O O     . HOH D 3 .  ? 11.469  -4.510  3.638   1.00 41.68  ? 102 HOH B O     1 
HETATM 534 O O     . HOH D 3 .  ? 2.293   12.009  -2.960  1.00 75.07  ? 103 HOH B O     1 
HETATM 535 O O     . HOH D 3 .  ? -3.053  -4.121  -11.859 1.00 68.83  ? 104 HOH B O     1 
HETATM 536 O O     . HOH D 3 .  ? -1.456  13.930  3.985   1.00 55.75  ? 105 HOH B O     1 
HETATM 537 O O     . HOH D 3 .  ? -3.026  -6.428  -13.827 1.00 69.06  ? 106 HOH B O     1 
HETATM 538 O O     . HOH D 3 .  ? -5.275  -6.178  -11.717 1.00 77.98  ? 107 HOH B O     1 
HETATM 539 O O     . HOH D 3 .  ? 0.588   11.756  -0.283  1.00 75.20  ? 108 HOH B O     1 
HETATM 540 O O     . HOH D 3 .  ? 10.679  -9.081  6.929   1.00 65.47  ? 109 HOH B O     1 
# 
loop_
_pdbx_poly_seq_scheme.asym_id 
_pdbx_poly_seq_scheme.entity_id 
_pdbx_poly_seq_scheme.seq_id 
_pdbx_poly_seq_scheme.mon_id 
_pdbx_poly_seq_scheme.ndb_seq_num 
_pdbx_poly_seq_scheme.pdb_seq_num 
_pdbx_poly_seq_scheme.auth_seq_num 
_pdbx_poly_seq_scheme.pdb_mon_id 
_pdbx_poly_seq_scheme.auth_mon_id 
_pdbx_poly_seq_scheme.pdb_strand_id 
_pdbx_poly_seq_scheme.pdb_ins_code 
_pdbx_poly_seq_scheme.hetero 
A 1 1  G 1  1  1  G G A . n 
A 1 2  G 2  2  2  G G A . n 
A 1 3  G 3  3  3  G G A . n 
A 1 4  U 4  4  4  U U A . n 
A 1 5  G 5  5  5  G G A . n 
A 1 6  G 6  6  6  G G A . n 
A 1 7  U 7  7  7  U U A . n 
A 1 8  G 8  8  8  G G A . n 
A 1 9  C 9  9  9  C C A . n 
A 1 10 G 10 10 10 G G A . n 
A 1 11 G 11 11 11 G G A . n 
A 1 12 G 12 12 12 G G A . n 
B 2 1  C 1  13 13 C C B . n 
B 2 2  C 2  14 14 C C B . n 
B 2 3  U 3  15 15 U U B . n 
B 2 4  G 4  16 16 G G B . n 
B 2 5  C 5  17 17 C C B . n 
B 2 6  A 6  18 18 A A B . n 
B 2 7  C 7  19 19 C C B . n 
B 2 8  U 8  20 20 U U B . n 
B 2 9  G 9  21 21 G G B . n 
B 2 10 C 10 22 22 C C B . n 
B 2 11 C 11 23 23 C C B . n 
B 2 12 C 12 24 24 C C B . n 
# 
loop_
_pdbx_nonpoly_scheme.asym_id 
_pdbx_nonpoly_scheme.entity_id 
_pdbx_nonpoly_scheme.mon_id 
_pdbx_nonpoly_scheme.ndb_seq_num 
_pdbx_nonpoly_scheme.pdb_seq_num 
_pdbx_nonpoly_scheme.auth_seq_num 
_pdbx_nonpoly_scheme.pdb_mon_id 
_pdbx_nonpoly_scheme.auth_mon_id 
_pdbx_nonpoly_scheme.pdb_strand_id 
_pdbx_nonpoly_scheme.pdb_ins_code 
C 3 HOH 1  101 2  HOH HOH A . 
C 3 HOH 2  102 5  HOH HOH A . 
C 3 HOH 3  103 6  HOH HOH A . 
C 3 HOH 4  104 7  HOH HOH A . 
C 3 HOH 5  105 8  HOH HOH A . 
C 3 HOH 6  106 10 HOH HOH A . 
C 3 HOH 7  107 11 HOH HOH A . 
C 3 HOH 8  108 12 HOH HOH A . 
C 3 HOH 9  109 20 HOH HOH A . 
C 3 HOH 10 110 23 HOH HOH A . 
C 3 HOH 11 111 24 HOH HOH A . 
C 3 HOH 12 112 26 HOH HOH A . 
C 3 HOH 13 113 28 HOH HOH A . 
C 3 HOH 14 114 25 HOH HOH A . 
D 3 HOH 1  101 1  HOH HOH B . 
D 3 HOH 2  102 3  HOH HOH B . 
D 3 HOH 3  103 4  HOH HOH B . 
D 3 HOH 4  104 9  HOH HOH B . 
D 3 HOH 5  105 13 HOH HOH B . 
D 3 HOH 6  106 19 HOH HOH B . 
D 3 HOH 7  107 21 HOH HOH B . 
D 3 HOH 8  108 22 HOH HOH B . 
D 3 HOH 9  109 27 HOH HOH B . 
# 
_pdbx_struct_assembly.id                   1 
_pdbx_struct_assembly.details              author_and_software_defined_assembly 
_pdbx_struct_assembly.method_details       PISA 
_pdbx_struct_assembly.oligomeric_details   dimeric 
_pdbx_struct_assembly.oligomeric_count     2 
# 
_pdbx_struct_assembly_gen.assembly_id       1 
_pdbx_struct_assembly_gen.oper_expression   1 
_pdbx_struct_assembly_gen.asym_id_list      A,B,C,D 
# 
loop_
_pdbx_struct_assembly_prop.biol_id 
_pdbx_struct_assembly_prop.type 
_pdbx_struct_assembly_prop.value 
_pdbx_struct_assembly_prop.details 
1 'ABSA (A^2)' 1250 ? 
1 MORE         -9   ? 
1 'SSA (A^2)'  4610 ? 
# 
_pdbx_struct_oper_list.id                   1 
_pdbx_struct_oper_list.type                 'identity operation' 
_pdbx_struct_oper_list.name                 1_555 
_pdbx_struct_oper_list.symmetry_operation   x,y,z 
_pdbx_struct_oper_list.matrix[1][1]         1.0000000000 
_pdbx_struct_oper_list.matrix[1][2]         0.0000000000 
_pdbx_struct_oper_list.matrix[1][3]         0.0000000000 
_pdbx_struct_oper_list.vector[1]            0.0000000000 
_pdbx_struct_oper_list.matrix[2][1]         0.0000000000 
_pdbx_struct_oper_list.matrix[2][2]         1.0000000000 
_pdbx_struct_oper_list.matrix[2][3]         0.0000000000 
_pdbx_struct_oper_list.vector[2]            0.0000000000 
_pdbx_struct_oper_list.matrix[3][1]         0.0000000000 
_pdbx_struct_oper_list.matrix[3][2]         0.0000000000 
_pdbx_struct_oper_list.matrix[3][3]         1.0000000000 
_pdbx_struct_oper_list.vector[3]            0.0000000000 
# 
loop_
_pdbx_audit_revision_history.ordinal 
_pdbx_audit_revision_history.data_content_type 
_pdbx_audit_revision_history.major_revision 
_pdbx_audit_revision_history.minor_revision 
_pdbx_audit_revision_history.revision_date 
1 'Structure model' 1 0 2013-06-05 
2 'Structure model' 1 1 2013-07-03 
3 'Structure model' 1 2 2023-11-08 
# 
_pdbx_audit_revision_details.ordinal             1 
_pdbx_audit_revision_details.revision_ordinal    1 
_pdbx_audit_revision_details.data_content_type   'Structure model' 
_pdbx_audit_revision_details.provider            repository 
_pdbx_audit_revision_details.type                'Initial release' 
_pdbx_audit_revision_details.description         ? 
_pdbx_audit_revision_details.details             ? 
# 
loop_
_pdbx_audit_revision_group.ordinal 
_pdbx_audit_revision_group.revision_ordinal 
_pdbx_audit_revision_group.data_content_type 
_pdbx_audit_revision_group.group 
1 2 'Structure model' 'Database references'    
2 3 'Structure model' 'Data collection'        
3 3 'Structure model' 'Database references'    
4 3 'Structure model' 'Refinement description' 
# 
loop_
_pdbx_audit_revision_category.ordinal 
_pdbx_audit_revision_category.revision_ordinal 
_pdbx_audit_revision_category.data_content_type 
_pdbx_audit_revision_category.category 
1 3 'Structure model' chem_comp_atom                
2 3 'Structure model' chem_comp_bond                
3 3 'Structure model' database_2                    
4 3 'Structure model' pdbx_initial_refinement_model 
# 
loop_
_pdbx_audit_revision_item.ordinal 
_pdbx_audit_revision_item.revision_ordinal 
_pdbx_audit_revision_item.data_content_type 
_pdbx_audit_revision_item.item 
1 3 'Structure model' '_database_2.pdbx_DOI'                
2 3 'Structure model' '_database_2.pdbx_database_accession' 
# 
_phasing.method   MR 
# 
loop_
_software.pdbx_ordinal 
_software.name 
_software.version 
_software.date 
_software.type 
_software.contact_author 
_software.contact_author_email 
_software.classification 
_software.location 
_software.language 
_software.citation_id 
1 AMoRE        .    ?                program 'Jorge Navaza'    ccp4@ccp4.ac.uk          phasing           http://www.ccp4.ac.uk/ 
Fortran_77 ? 
2 CNS          .    ?                package 'Axel T. Brunger' axel.brunger@yale.edu    refinement        http://cns-online.org/ 
Fortran_77 ? 
3 PDB_EXTRACT  3.11 'April 22, 2011' package PDB               deposit@deposit.rcsb.org 'data extraction' 
http://sw-tools.pdb.org/apps/PDB_EXTRACT/ C++        ? 
4 CrystalClear .    ?                ?       ?                 ?                        'data reduction'  ? ?          ? 
5 CrystalClear .    ?                ?       ?                 ?                        'data scaling'    ? ?          ? 
# 
_pdbx_entry_details.entry_id                 4JRT 
_pdbx_entry_details.nonpolymer_details       'HOH (A 111) AND HOH (A 112) ARE CLOSED TO SYMMETRY-RELATED RNA MOLECULE.' 
_pdbx_entry_details.sequence_details         ? 
_pdbx_entry_details.compound_details         ? 
_pdbx_entry_details.source_details           ? 
_pdbx_entry_details.has_ligand_of_interest   ? 
# 
loop_
_pdbx_validate_rmsd_bond.id 
_pdbx_validate_rmsd_bond.PDB_model_num 
_pdbx_validate_rmsd_bond.auth_atom_id_1 
_pdbx_validate_rmsd_bond.auth_asym_id_1 
_pdbx_validate_rmsd_bond.auth_comp_id_1 
_pdbx_validate_rmsd_bond.auth_seq_id_1 
_pdbx_validate_rmsd_bond.PDB_ins_code_1 
_pdbx_validate_rmsd_bond.label_alt_id_1 
_pdbx_validate_rmsd_bond.auth_atom_id_2 
_pdbx_validate_rmsd_bond.auth_asym_id_2 
_pdbx_validate_rmsd_bond.auth_comp_id_2 
_pdbx_validate_rmsd_bond.auth_seq_id_2 
_pdbx_validate_rmsd_bond.PDB_ins_code_2 
_pdbx_validate_rmsd_bond.label_alt_id_2 
_pdbx_validate_rmsd_bond.bond_value 
_pdbx_validate_rmsd_bond.bond_target_value 
_pdbx_validate_rmsd_bond.bond_deviation 
_pdbx_validate_rmsd_bond.bond_standard_deviation 
_pdbx_validate_rmsd_bond.linker_flag 
1 1 P A G 1  ? ? OP3 A G 1  ? ? 1.529 1.607 -0.078 0.012 N 
2 1 P B C 13 ? ? OP3 B C 13 ? ? 1.529 1.607 -0.078 0.012 N 
# 
loop_
_chem_comp_atom.comp_id 
_chem_comp_atom.atom_id 
_chem_comp_atom.type_symbol 
_chem_comp_atom.pdbx_aromatic_flag 
_chem_comp_atom.pdbx_stereo_config 
_chem_comp_atom.pdbx_ordinal 
A   OP3    O N N 1   
A   P      P N N 2   
A   OP1    O N N 3   
A   OP2    O N N 4   
A   "O5'"  O N N 5   
A   "C5'"  C N N 6   
A   "C4'"  C N R 7   
A   "O4'"  O N N 8   
A   "C3'"  C N S 9   
A   "O3'"  O N N 10  
A   "C2'"  C N R 11  
A   "O2'"  O N N 12  
A   "C1'"  C N R 13  
A   N9     N Y N 14  
A   C8     C Y N 15  
A   N7     N Y N 16  
A   C5     C Y N 17  
A   C6     C Y N 18  
A   N6     N N N 19  
A   N1     N Y N 20  
A   C2     C Y N 21  
A   N3     N Y N 22  
A   C4     C Y N 23  
A   HOP3   H N N 24  
A   HOP2   H N N 25  
A   "H5'"  H N N 26  
A   "H5''" H N N 27  
A   "H4'"  H N N 28  
A   "H3'"  H N N 29  
A   "HO3'" H N N 30  
A   "H2'"  H N N 31  
A   "HO2'" H N N 32  
A   "H1'"  H N N 33  
A   H8     H N N 34  
A   H61    H N N 35  
A   H62    H N N 36  
A   H2     H N N 37  
C   OP3    O N N 38  
C   P      P N N 39  
C   OP1    O N N 40  
C   OP2    O N N 41  
C   "O5'"  O N N 42  
C   "C5'"  C N N 43  
C   "C4'"  C N R 44  
C   "O4'"  O N N 45  
C   "C3'"  C N S 46  
C   "O3'"  O N N 47  
C   "C2'"  C N R 48  
C   "O2'"  O N N 49  
C   "C1'"  C N R 50  
C   N1     N N N 51  
C   C2     C N N 52  
C   O2     O N N 53  
C   N3     N N N 54  
C   C4     C N N 55  
C   N4     N N N 56  
C   C5     C N N 57  
C   C6     C N N 58  
C   HOP3   H N N 59  
C   HOP2   H N N 60  
C   "H5'"  H N N 61  
C   "H5''" H N N 62  
C   "H4'"  H N N 63  
C   "H3'"  H N N 64  
C   "HO3'" H N N 65  
C   "H2'"  H N N 66  
C   "HO2'" H N N 67  
C   "H1'"  H N N 68  
C   H41    H N N 69  
C   H42    H N N 70  
C   H5     H N N 71  
C   H6     H N N 72  
G   OP3    O N N 73  
G   P      P N N 74  
G   OP1    O N N 75  
G   OP2    O N N 76  
G   "O5'"  O N N 77  
G   "C5'"  C N N 78  
G   "C4'"  C N R 79  
G   "O4'"  O N N 80  
G   "C3'"  C N S 81  
G   "O3'"  O N N 82  
G   "C2'"  C N R 83  
G   "O2'"  O N N 84  
G   "C1'"  C N R 85  
G   N9     N Y N 86  
G   C8     C Y N 87  
G   N7     N Y N 88  
G   C5     C Y N 89  
G   C6     C N N 90  
G   O6     O N N 91  
G   N1     N N N 92  
G   C2     C N N 93  
G   N2     N N N 94  
G   N3     N N N 95  
G   C4     C Y N 96  
G   HOP3   H N N 97  
G   HOP2   H N N 98  
G   "H5'"  H N N 99  
G   "H5''" H N N 100 
G   "H4'"  H N N 101 
G   "H3'"  H N N 102 
G   "HO3'" H N N 103 
G   "H2'"  H N N 104 
G   "HO2'" H N N 105 
G   "H1'"  H N N 106 
G   H8     H N N 107 
G   H1     H N N 108 
G   H21    H N N 109 
G   H22    H N N 110 
HOH O      O N N 111 
HOH H1     H N N 112 
HOH H2     H N N 113 
U   OP3    O N N 114 
U   P      P N N 115 
U   OP1    O N N 116 
U   OP2    O N N 117 
U   "O5'"  O N N 118 
U   "C5'"  C N N 119 
U   "C4'"  C N R 120 
U   "O4'"  O N N 121 
U   "C3'"  C N S 122 
U   "O3'"  O N N 123 
U   "C2'"  C N R 124 
U   "O2'"  O N N 125 
U   "C1'"  C N R 126 
U   N1     N N N 127 
U   C2     C N N 128 
U   O2     O N N 129 
U   N3     N N N 130 
U   C4     C N N 131 
U   O4     O N N 132 
U   C5     C N N 133 
U   C6     C N N 134 
U   HOP3   H N N 135 
U   HOP2   H N N 136 
U   "H5'"  H N N 137 
U   "H5''" H N N 138 
U   "H4'"  H N N 139 
U   "H3'"  H N N 140 
U   "HO3'" H N N 141 
U   "H2'"  H N N 142 
U   "HO2'" H N N 143 
U   "H1'"  H N N 144 
U   H3     H N N 145 
U   H5     H N N 146 
U   H6     H N N 147 
# 
loop_
_chem_comp_bond.comp_id 
_chem_comp_bond.atom_id_1 
_chem_comp_bond.atom_id_2 
_chem_comp_bond.value_order 
_chem_comp_bond.pdbx_aromatic_flag 
_chem_comp_bond.pdbx_stereo_config 
_chem_comp_bond.pdbx_ordinal 
A   OP3   P      sing N N 1   
A   OP3   HOP3   sing N N 2   
A   P     OP1    doub N N 3   
A   P     OP2    sing N N 4   
A   P     "O5'"  sing N N 5   
A   OP2   HOP2   sing N N 6   
A   "O5'" "C5'"  sing N N 7   
A   "C5'" "C4'"  sing N N 8   
A   "C5'" "H5'"  sing N N 9   
A   "C5'" "H5''" sing N N 10  
A   "C4'" "O4'"  sing N N 11  
A   "C4'" "C3'"  sing N N 12  
A   "C4'" "H4'"  sing N N 13  
A   "O4'" "C1'"  sing N N 14  
A   "C3'" "O3'"  sing N N 15  
A   "C3'" "C2'"  sing N N 16  
A   "C3'" "H3'"  sing N N 17  
A   "O3'" "HO3'" sing N N 18  
A   "C2'" "O2'"  sing N N 19  
A   "C2'" "C1'"  sing N N 20  
A   "C2'" "H2'"  sing N N 21  
A   "O2'" "HO2'" sing N N 22  
A   "C1'" N9     sing N N 23  
A   "C1'" "H1'"  sing N N 24  
A   N9    C8     sing Y N 25  
A   N9    C4     sing Y N 26  
A   C8    N7     doub Y N 27  
A   C8    H8     sing N N 28  
A   N7    C5     sing Y N 29  
A   C5    C6     sing Y N 30  
A   C5    C4     doub Y N 31  
A   C6    N6     sing N N 32  
A   C6    N1     doub Y N 33  
A   N6    H61    sing N N 34  
A   N6    H62    sing N N 35  
A   N1    C2     sing Y N 36  
A   C2    N3     doub Y N 37  
A   C2    H2     sing N N 38  
A   N3    C4     sing Y N 39  
C   OP3   P      sing N N 40  
C   OP3   HOP3   sing N N 41  
C   P     OP1    doub N N 42  
C   P     OP2    sing N N 43  
C   P     "O5'"  sing N N 44  
C   OP2   HOP2   sing N N 45  
C   "O5'" "C5'"  sing N N 46  
C   "C5'" "C4'"  sing N N 47  
C   "C5'" "H5'"  sing N N 48  
C   "C5'" "H5''" sing N N 49  
C   "C4'" "O4'"  sing N N 50  
C   "C4'" "C3'"  sing N N 51  
C   "C4'" "H4'"  sing N N 52  
C   "O4'" "C1'"  sing N N 53  
C   "C3'" "O3'"  sing N N 54  
C   "C3'" "C2'"  sing N N 55  
C   "C3'" "H3'"  sing N N 56  
C   "O3'" "HO3'" sing N N 57  
C   "C2'" "O2'"  sing N N 58  
C   "C2'" "C1'"  sing N N 59  
C   "C2'" "H2'"  sing N N 60  
C   "O2'" "HO2'" sing N N 61  
C   "C1'" N1     sing N N 62  
C   "C1'" "H1'"  sing N N 63  
C   N1    C2     sing N N 64  
C   N1    C6     sing N N 65  
C   C2    O2     doub N N 66  
C   C2    N3     sing N N 67  
C   N3    C4     doub N N 68  
C   C4    N4     sing N N 69  
C   C4    C5     sing N N 70  
C   N4    H41    sing N N 71  
C   N4    H42    sing N N 72  
C   C5    C6     doub N N 73  
C   C5    H5     sing N N 74  
C   C6    H6     sing N N 75  
G   OP3   P      sing N N 76  
G   OP3   HOP3   sing N N 77  
G   P     OP1    doub N N 78  
G   P     OP2    sing N N 79  
G   P     "O5'"  sing N N 80  
G   OP2   HOP2   sing N N 81  
G   "O5'" "C5'"  sing N N 82  
G   "C5'" "C4'"  sing N N 83  
G   "C5'" "H5'"  sing N N 84  
G   "C5'" "H5''" sing N N 85  
G   "C4'" "O4'"  sing N N 86  
G   "C4'" "C3'"  sing N N 87  
G   "C4'" "H4'"  sing N N 88  
G   "O4'" "C1'"  sing N N 89  
G   "C3'" "O3'"  sing N N 90  
G   "C3'" "C2'"  sing N N 91  
G   "C3'" "H3'"  sing N N 92  
G   "O3'" "HO3'" sing N N 93  
G   "C2'" "O2'"  sing N N 94  
G   "C2'" "C1'"  sing N N 95  
G   "C2'" "H2'"  sing N N 96  
G   "O2'" "HO2'" sing N N 97  
G   "C1'" N9     sing N N 98  
G   "C1'" "H1'"  sing N N 99  
G   N9    C8     sing Y N 100 
G   N9    C4     sing Y N 101 
G   C8    N7     doub Y N 102 
G   C8    H8     sing N N 103 
G   N7    C5     sing Y N 104 
G   C5    C6     sing N N 105 
G   C5    C4     doub Y N 106 
G   C6    O6     doub N N 107 
G   C6    N1     sing N N 108 
G   N1    C2     sing N N 109 
G   N1    H1     sing N N 110 
G   C2    N2     sing N N 111 
G   C2    N3     doub N N 112 
G   N2    H21    sing N N 113 
G   N2    H22    sing N N 114 
G   N3    C4     sing N N 115 
HOH O     H1     sing N N 116 
HOH O     H2     sing N N 117 
U   OP3   P      sing N N 118 
U   OP3   HOP3   sing N N 119 
U   P     OP1    doub N N 120 
U   P     OP2    sing N N 121 
U   P     "O5'"  sing N N 122 
U   OP2   HOP2   sing N N 123 
U   "O5'" "C5'"  sing N N 124 
U   "C5'" "C4'"  sing N N 125 
U   "C5'" "H5'"  sing N N 126 
U   "C5'" "H5''" sing N N 127 
U   "C4'" "O4'"  sing N N 128 
U   "C4'" "C3'"  sing N N 129 
U   "C4'" "H4'"  sing N N 130 
U   "O4'" "C1'"  sing N N 131 
U   "C3'" "O3'"  sing N N 132 
U   "C3'" "C2'"  sing N N 133 
U   "C3'" "H3'"  sing N N 134 
U   "O3'" "HO3'" sing N N 135 
U   "C2'" "O2'"  sing N N 136 
U   "C2'" "C1'"  sing N N 137 
U   "C2'" "H2'"  sing N N 138 
U   "O2'" "HO2'" sing N N 139 
U   "C1'" N1     sing N N 140 
U   "C1'" "H1'"  sing N N 141 
U   N1    C2     sing N N 142 
U   N1    C6     sing N N 143 
U   C2    O2     doub N N 144 
U   C2    N3     sing N N 145 
U   N3    C4     sing N N 146 
U   N3    H3     sing N N 147 
U   C4    O4     doub N N 148 
U   C4    C5     sing N N 149 
U   C5    C6     doub N N 150 
U   C5    H5     sing N N 151 
U   C6    H6     sing N N 152 
# 
loop_
_ndb_struct_conf_na.entry_id 
_ndb_struct_conf_na.feature 
4JRT 'a-form double helix'  
4JRT 'mismatched base pair' 
# 
loop_
_ndb_struct_na_base_pair.model_number 
_ndb_struct_na_base_pair.i_label_asym_id 
_ndb_struct_na_base_pair.i_label_comp_id 
_ndb_struct_na_base_pair.i_label_seq_id 
_ndb_struct_na_base_pair.i_symmetry 
_ndb_struct_na_base_pair.j_label_asym_id 
_ndb_struct_na_base_pair.j_label_comp_id 
_ndb_struct_na_base_pair.j_label_seq_id 
_ndb_struct_na_base_pair.j_symmetry 
_ndb_struct_na_base_pair.shear 
_ndb_struct_na_base_pair.stretch 
_ndb_struct_na_base_pair.stagger 
_ndb_struct_na_base_pair.buckle 
_ndb_struct_na_base_pair.propeller 
_ndb_struct_na_base_pair.opening 
_ndb_struct_na_base_pair.pair_number 
_ndb_struct_na_base_pair.pair_name 
_ndb_struct_na_base_pair.i_auth_asym_id 
_ndb_struct_na_base_pair.i_auth_seq_id 
_ndb_struct_na_base_pair.i_PDB_ins_code 
_ndb_struct_na_base_pair.j_auth_asym_id 
_ndb_struct_na_base_pair.j_auth_seq_id 
_ndb_struct_na_base_pair.j_PDB_ins_code 
_ndb_struct_na_base_pair.hbond_type_28 
_ndb_struct_na_base_pair.hbond_type_12 
1 A G 1  1_555 B C 12 1_555 0.311  0.130  0.352  -6.256  -7.088  -4.942 1  A_G1:C24_B  A 1  ? B 24 ? 19 1 
1 A G 2  1_555 B C 11 1_555 0.124  0.258  0.342  1.802   -0.871  8.360  2  A_G2:C23_B  A 2  ? B 23 ? 19 1 
1 A G 3  1_555 B C 10 1_555 -0.252 -0.105 0.013  -8.634  -6.756  4.737  3  A_G3:C22_B  A 3  ? B 22 ? 19 1 
1 A U 4  1_555 B G 9  1_555 2.211  -0.288 0.259  -0.350  -1.225  3.016  4  A_U4:G21_B  A 4  ? B 21 ? 28 1 
1 A G 5  1_555 B U 8  1_555 -2.354 -0.629 -0.568 -11.055 -15.663 5.705  5  A_G5:U20_B  A 5  ? B 20 ? 28 1 
1 A G 6  1_555 B C 7  1_555 -0.423 -0.136 -0.273 -12.358 -9.003  6.328  6  A_G6:C19_B  A 6  ? B 19 ? 19 1 
1 A U 7  1_555 B A 6  1_555 -0.258 0.081  0.149  -0.278  -5.301  2.464  7  A_U7:A18_B  A 7  ? B 18 ? 20 1 
1 A G 8  1_555 B C 5  1_555 -0.237 0.048  0.108  3.812   -11.757 6.436  8  A_G8:C17_B  A 8  ? B 17 ? 19 1 
1 A C 9  1_555 B G 4  1_555 0.480  -0.342 -0.332 6.588   -11.386 -2.766 9  A_C9:G16_B  A 9  ? B 16 ? 19 1 
1 A G 10 1_555 B U 3  1_555 -1.798 -0.575 0.159  -2.968  -16.347 1.587  10 A_G10:U15_B A 10 ? B 15 ? 28 1 
1 A G 11 1_555 B C 2  1_555 -0.573 0.061  -0.134 -10.692 -14.068 4.768  11 A_G11:C14_B A 11 ? B 14 ? 19 1 
1 A G 12 1_555 B C 1  1_555 -0.498 -0.066 -0.739 -13.977 -13.044 6.827  12 A_G12:C13_B A 12 ? B 13 ? 19 1 
# 
loop_
_ndb_struct_na_base_pair_step.model_number 
_ndb_struct_na_base_pair_step.i_label_asym_id_1 
_ndb_struct_na_base_pair_step.i_label_comp_id_1 
_ndb_struct_na_base_pair_step.i_label_seq_id_1 
_ndb_struct_na_base_pair_step.i_symmetry_1 
_ndb_struct_na_base_pair_step.j_label_asym_id_1 
_ndb_struct_na_base_pair_step.j_label_comp_id_1 
_ndb_struct_na_base_pair_step.j_label_seq_id_1 
_ndb_struct_na_base_pair_step.j_symmetry_1 
_ndb_struct_na_base_pair_step.i_label_asym_id_2 
_ndb_struct_na_base_pair_step.i_label_comp_id_2 
_ndb_struct_na_base_pair_step.i_label_seq_id_2 
_ndb_struct_na_base_pair_step.i_symmetry_2 
_ndb_struct_na_base_pair_step.j_label_asym_id_2 
_ndb_struct_na_base_pair_step.j_label_comp_id_2 
_ndb_struct_na_base_pair_step.j_label_seq_id_2 
_ndb_struct_na_base_pair_step.j_symmetry_2 
_ndb_struct_na_base_pair_step.shift 
_ndb_struct_na_base_pair_step.slide 
_ndb_struct_na_base_pair_step.rise 
_ndb_struct_na_base_pair_step.tilt 
_ndb_struct_na_base_pair_step.roll 
_ndb_struct_na_base_pair_step.twist 
_ndb_struct_na_base_pair_step.x_displacement 
_ndb_struct_na_base_pair_step.y_displacement 
_ndb_struct_na_base_pair_step.helical_rise 
_ndb_struct_na_base_pair_step.inclination 
_ndb_struct_na_base_pair_step.tip 
_ndb_struct_na_base_pair_step.helical_twist 
_ndb_struct_na_base_pair_step.step_number 
_ndb_struct_na_base_pair_step.step_name 
_ndb_struct_na_base_pair_step.i_auth_asym_id_1 
_ndb_struct_na_base_pair_step.i_auth_seq_id_1 
_ndb_struct_na_base_pair_step.i_PDB_ins_code_1 
_ndb_struct_na_base_pair_step.j_auth_asym_id_1 
_ndb_struct_na_base_pair_step.j_auth_seq_id_1 
_ndb_struct_na_base_pair_step.j_PDB_ins_code_1 
_ndb_struct_na_base_pair_step.i_auth_asym_id_2 
_ndb_struct_na_base_pair_step.i_auth_seq_id_2 
_ndb_struct_na_base_pair_step.i_PDB_ins_code_2 
_ndb_struct_na_base_pair_step.j_auth_asym_id_2 
_ndb_struct_na_base_pair_step.j_auth_seq_id_2 
_ndb_struct_na_base_pair_step.j_PDB_ins_code_2 
1 A G 1  1_555 B C 12 1_555 A G 2  1_555 B C 11 1_555 0.421  -1.847 3.101 -2.351 -0.228 33.209 -3.187 -1.106 3.077 -0.398 4.108   
33.290 1  AA_G1G2:C23C24_BB   A 1  ? B 24 ? A 2  ? B 23 ? 
1 A G 2  1_555 B C 11 1_555 A G 3  1_555 B C 10 1_555 -0.047 -1.704 3.198 2.154  19.560 30.750 -5.010 0.326  1.819 32.991 -3.633  
36.379 2  AA_G2G3:C22C23_BB   A 2  ? B 23 ? A 3  ? B 22 ? 
1 A G 3  1_555 B C 10 1_555 A U 4  1_555 B G 9  1_555 0.209  -1.154 2.992 0.738  7.845  38.819 -2.515 -0.233 2.721 11.658 -1.096  
39.581 3  AA_G3U4:G21C22_BB   A 3  ? B 22 ? A 4  ? B 21 ? 
1 A U 4  1_555 B G 9  1_555 A G 5  1_555 B U 8  1_555 1.029  -2.284 3.232 7.174  14.449 16.681 -9.689 -0.575 1.236 39.709 -19.714 
23.166 4  AA_U4G5:U20G21_BB   A 4  ? B 21 ? A 5  ? B 20 ? 
1 A G 5  1_555 B U 8  1_555 A G 6  1_555 B C 7  1_555 -0.492 -1.859 3.292 -6.438 7.968  36.788 -3.815 -0.030 2.885 12.334 9.967   
38.140 5  AA_G5G6:C19U20_BB   A 5  ? B 20 ? A 6  ? B 19 ? 
1 A G 6  1_555 B C 7  1_555 A U 7  1_555 B A 6  1_555 -0.572 -1.236 2.883 -3.275 6.652  31.673 -3.201 0.534  2.620 11.982 5.899   
32.508 6  AA_G6U7:A18C19_BB   A 6  ? B 19 ? A 7  ? B 18 ? 
1 A U 7  1_555 B A 6  1_555 A G 8  1_555 B C 5  1_555 0.165  -1.354 3.178 2.912  13.933 30.544 -4.367 0.139  2.361 24.826 -5.189  
33.626 7  AA_U7G8:C17A18_BB   A 7  ? B 18 ? A 8  ? B 17 ? 
1 A G 8  1_555 B C 5  1_555 A C 9  1_555 B G 4  1_555 -0.114 -1.039 3.279 3.549  11.892 31.998 -3.537 0.724  2.706 20.628 -6.156  
34.262 8  AA_G8C9:G16C17_BB   A 8  ? B 17 ? A 9  ? B 16 ? 
1 A C 9  1_555 B G 4  1_555 A G 10 1_555 B U 3  1_555 1.158  -1.855 3.231 -3.257 16.486 26.169 -6.048 -2.675 1.647 32.496 6.420   
31.020 9  AA_C9G10:U15G16_BB  A 9  ? B 16 ? A 10 ? B 15 ? 
1 A G 10 1_555 B U 3  1_555 A G 11 1_555 B C 2  1_555 -0.173 -1.603 3.391 -0.648 5.273  35.638 -3.344 0.187  3.132 8.557  1.052   
36.019 10 AA_G10G11:C14U15_BB A 10 ? B 15 ? A 11 ? B 14 ? 
1 A G 11 1_555 B C 2  1_555 A G 12 1_555 B C 1  1_555 0.616  -1.642 3.557 6.683  8.841  33.326 -4.110 0.025  3.097 14.912 -11.272 
35.071 11 AA_G11G12:C13C14_BB A 11 ? B 14 ? A 12 ? B 13 ? 
# 
_pdbx_entity_nonpoly.entity_id   3 
_pdbx_entity_nonpoly.name        water 
_pdbx_entity_nonpoly.comp_id     HOH 
# 
_pdbx_initial_refinement_model.id               1 
_pdbx_initial_refinement_model.entity_id_list   ? 
_pdbx_initial_refinement_model.type             'experimental model' 
_pdbx_initial_refinement_model.source_name      PDB 
_pdbx_initial_refinement_model.accession_code   353D 
_pdbx_initial_refinement_model.details          'PDB ENTRY 353D' 
# 
